data_6KHR
#
_entry.id   6KHR
#
_cell.length_a   103.132
_cell.length_b   103.132
_cell.length_c   148.692
_cell.angle_alpha   90.000
_cell.angle_beta   90.000
_cell.angle_gamma   120.000
#
_symmetry.space_group_name_H-M   'P 31 2 1'
#
loop_
_entity.id
_entity.type
_entity.pdbx_description
1 polymer 'Formate-dependent phosphoribosylglycinamide formyltransferase'
2 water water
#
_entity_poly.entity_id   1
_entity_poly.type   'polypeptide(L)'
_entity_poly.pdbx_seq_one_letter_code
;MVIDGWTEEQHEPTVRHERPAAPQDVRRVMLLGSAEPSRELAIALQGLGAEVIAVDGYVGAPAHRIADQSVVVTMTDAEE
LTAVIRRLQPDFLVTVTAAVSVDALDAVEQADGECTELVPNARAVRCTADREGLRRLAADQLGLPTAPFWFVGSLGELQA
VAVHAGFPLLVSPVAGVAGQGSSVVAGPNEVEPAWQRAAGHQVQPQTGGVSPRVCAESVVEIEFLVTMIVVCSQGPNGPL
IEFCAPIGHRDADAGELESWQPQKLSTAALDAAKSIAARIVKALGGRGVFGVELMINGDEVYFADVTVCPAGSAWVTVRS
QRLSVFELQARAILGLAVDTLMISPGAARVINPDHTAGRAAVGAAPPADALTGALGVPESDVVIFGRGLGVALATAPEVA
IARERAREVASRLNVPDSRE
;
_entity_poly.pdbx_strand_id   A,B
#
# COMPACT_ATOMS: atom_id res chain seq x y z
N ARG A 27 33.95 11.03 22.79
CA ARG A 27 32.60 10.81 22.24
C ARG A 27 31.60 10.56 23.37
N ARG A 28 30.65 11.48 23.53
CA ARG A 28 29.75 11.49 24.68
C ARG A 28 28.30 11.52 24.20
N VAL A 29 27.54 10.50 24.59
CA VAL A 29 26.15 10.35 24.22
C VAL A 29 25.34 10.59 25.48
N MET A 30 24.20 11.27 25.33
CA MET A 30 23.33 11.55 26.45
C MET A 30 21.99 10.89 26.17
N LEU A 31 21.51 10.12 27.13
CA LEU A 31 20.27 9.36 27.00
C LEU A 31 19.18 10.00 27.82
N LEU A 32 18.17 10.54 27.16
CA LEU A 32 16.97 11.05 27.83
C LEU A 32 16.05 9.86 28.11
N GLY A 33 15.98 9.47 29.38
CA GLY A 33 15.28 8.26 29.78
C GLY A 33 16.29 7.24 30.26
N SER A 34 15.94 6.57 31.34
CA SER A 34 16.87 5.59 31.93
C SER A 34 16.10 4.36 32.34
N ALA A 35 15.22 3.87 31.50
CA ALA A 35 14.46 2.66 31.80
C ALA A 35 15.21 1.41 31.36
N GLU A 36 14.50 0.30 31.23
CA GLU A 36 15.20 -0.95 30.95
C GLU A 36 15.99 -0.94 29.66
N PRO A 37 15.50 -0.62 28.28
CA PRO A 37 16.19 -0.58 26.99
C PRO A 37 17.25 0.49 26.93
N SER A 38 17.06 1.56 27.70
CA SER A 38 18.10 2.55 27.91
C SER A 38 19.37 1.92 28.50
N ARG A 39 19.23 0.88 29.33
CA ARG A 39 20.42 0.26 29.91
C ARG A 39 21.18 -0.56 28.88
N GLU A 40 20.47 -1.34 28.07
CA GLU A 40 21.14 -2.16 27.07
C GLU A 40 21.81 -1.29 26.01
N LEU A 41 21.08 -0.30 25.49
CA LEU A 41 21.67 0.69 24.60
C LEU A 41 22.95 1.27 25.20
N ALA A 42 22.97 1.47 26.51
CA ALA A 42 24.13 2.10 27.14
C ALA A 42 25.31 1.15 27.17
N ILE A 43 25.05 -0.14 27.42
CA ILE A 43 26.09 -1.14 27.30
C ILE A 43 26.63 -1.15 25.88
N ALA A 44 25.72 -1.22 24.90
CA ALA A 44 26.13 -1.27 23.51
C ALA A 44 27.05 -0.09 23.18
N LEU A 45 26.63 1.12 23.54
CA LEU A 45 27.42 2.30 23.22
C LEU A 45 28.78 2.29 23.90
N GLN A 46 28.89 1.58 25.04
CA GLN A 46 30.15 1.56 25.76
C GLN A 46 31.11 0.56 25.16
N GLY A 47 30.57 -0.52 24.56
CA GLY A 47 31.42 -1.43 23.81
C GLY A 47 32.07 -0.76 22.61
N LEU A 48 31.39 0.21 22.01
CA LEU A 48 31.93 0.91 20.85
C LEU A 48 32.81 2.08 21.26
N GLY A 49 33.01 2.29 22.55
CA GLY A 49 33.98 3.27 23.03
C GLY A 49 33.41 4.57 23.55
N ALA A 50 32.11 4.70 23.74
CA ALA A 50 31.52 5.98 24.09
C ALA A 50 31.21 6.07 25.59
N GLU A 51 31.45 7.25 26.16
CA GLU A 51 30.90 7.61 27.46
C GLU A 51 29.42 7.92 27.33
N VAL A 52 28.62 7.46 28.29
CA VAL A 52 27.17 7.68 28.24
C VAL A 52 26.72 8.38 29.53
N ILE A 53 25.91 9.42 29.35
CA ILE A 53 25.24 10.12 30.43
C ILE A 53 23.78 9.66 30.44
N ALA A 54 23.33 9.13 31.56
CA ALA A 54 21.94 8.70 31.70
C ALA A 54 21.16 9.74 32.50
N VAL A 55 20.11 10.27 31.89
CA VAL A 55 19.27 11.31 32.48
C VAL A 55 17.90 10.71 32.74
N ASP A 56 17.33 11.02 33.91
CA ASP A 56 15.94 10.65 34.18
C ASP A 56 15.42 11.54 35.31
N GLY A 57 14.14 11.34 35.64
CA GLY A 57 13.48 12.10 36.69
C GLY A 57 13.80 11.70 38.12
N TYR A 58 13.86 10.40 38.42
CA TYR A 58 14.04 9.85 39.76
C TYR A 58 15.46 9.33 39.94
N VAL A 59 15.73 8.83 41.14
CA VAL A 59 17.11 8.63 41.60
C VAL A 59 17.65 7.26 41.18
N GLY A 60 16.87 6.20 41.27
CA GLY A 60 17.39 4.89 40.95
C GLY A 60 16.96 4.38 39.59
N ALA A 61 17.44 5.00 38.52
CA ALA A 61 16.88 4.43 37.32
C ALA A 61 17.83 3.39 36.72
N PRO A 62 17.32 2.42 35.94
CA PRO A 62 18.17 1.29 35.50
C PRO A 62 19.47 1.65 34.80
N ALA A 63 19.45 2.57 33.82
CA ALA A 63 20.70 2.91 33.13
C ALA A 63 21.64 3.75 33.99
N HIS A 64 21.14 4.35 35.08
CA HIS A 64 22.02 5.06 36.02
C HIS A 64 23.11 4.16 36.57
N ARG A 65 22.81 2.86 36.76
CA ARG A 65 23.70 1.98 37.50
C ARG A 65 24.99 1.70 36.74
N ILE A 66 24.90 1.57 35.42
CA ILE A 66 26.08 1.24 34.62
C ILE A 66 26.53 2.39 33.74
N ALA A 67 25.82 3.51 33.77
CA ALA A 67 26.26 4.65 32.99
C ALA A 67 27.54 5.24 33.59
N ASP A 68 28.23 6.03 32.77
CA ASP A 68 29.41 6.76 33.20
C ASP A 68 29.05 7.98 34.04
N GLN A 69 27.94 8.62 33.74
CA GLN A 69 27.50 9.79 34.48
C GLN A 69 25.99 9.75 34.57
N SER A 70 25.47 9.97 35.77
CA SER A 70 24.04 9.95 36.04
C SER A 70 23.57 11.37 36.33
N VAL A 71 22.35 11.67 35.89
CA VAL A 71 21.78 12.99 36.06
C VAL A 71 20.29 12.82 36.35
N VAL A 72 19.81 13.59 37.32
CA VAL A 72 18.40 13.63 37.69
C VAL A 72 17.86 14.99 37.32
N VAL A 73 16.87 15.04 36.42
CA VAL A 73 16.15 16.26 36.15
C VAL A 73 14.74 15.90 35.75
N THR A 74 13.80 16.76 36.12
CA THR A 74 12.45 16.64 35.56
C THR A 74 12.57 16.96 34.09
N MET A 75 12.63 15.92 33.25
CA MET A 75 12.87 16.14 31.84
C MET A 75 11.70 16.83 31.15
N THR A 76 10.50 16.71 31.73
CA THR A 76 9.33 17.46 31.31
C THR A 76 9.37 18.91 31.79
N ASP A 77 10.56 19.52 31.80
CA ASP A 77 10.73 20.92 32.20
C ASP A 77 11.71 21.54 31.21
N ALA A 78 11.19 22.45 30.37
CA ALA A 78 11.99 22.93 29.25
C ALA A 78 13.18 23.75 29.71
N GLU A 79 13.01 24.53 30.78
CA GLU A 79 14.14 25.26 31.35
C GLU A 79 15.13 24.32 31.99
N GLU A 80 14.65 23.44 32.88
CA GLU A 80 15.53 22.56 33.64
C GLU A 80 16.28 21.59 32.74
N LEU A 81 15.60 21.04 31.73
CA LEU A 81 16.28 20.16 30.80
C LEU A 81 17.33 20.91 29.99
N THR A 82 16.99 22.11 29.53
CA THR A 82 17.89 22.81 28.61
C THR A 82 19.17 23.24 29.30
N ALA A 83 19.08 23.65 30.57
CA ALA A 83 20.30 23.96 31.31
C ALA A 83 21.20 22.73 31.40
N VAL A 84 20.61 21.57 31.71
CA VAL A 84 21.36 20.32 31.83
C VAL A 84 22.10 20.01 30.55
N ILE A 85 21.48 20.27 29.40
CA ILE A 85 22.14 19.92 28.15
C ILE A 85 23.24 20.93 27.85
N ARG A 86 23.04 22.19 28.24
CA ARG A 86 24.03 23.22 27.96
C ARG A 86 25.27 23.01 28.83
N ARG A 87 25.09 22.67 30.10
CA ARG A 87 26.24 22.45 30.98
C ARG A 87 27.07 21.29 30.50
N LEU A 88 26.43 20.12 30.33
CA LEU A 88 27.15 18.92 29.96
C LEU A 88 27.68 18.99 28.53
N GLN A 89 26.87 19.50 27.60
CA GLN A 89 27.30 19.64 26.22
C GLN A 89 27.70 18.30 25.62
N PRO A 90 26.76 17.40 25.36
CA PRO A 90 27.11 16.10 24.77
C PRO A 90 27.22 16.15 23.26
N ASP A 91 28.02 15.23 22.72
CA ASP A 91 28.12 15.11 21.27
C ASP A 91 26.81 14.66 20.65
N PHE A 92 26.12 13.69 21.27
CA PHE A 92 24.85 13.17 20.77
C PHE A 92 23.78 13.24 21.85
N LEU A 93 22.57 13.60 21.43
CA LEU A 93 21.41 13.68 22.32
C LEU A 93 20.34 12.70 21.86
N VAL A 94 20.16 11.61 22.62
CA VAL A 94 19.25 10.51 22.28
C VAL A 94 18.05 10.53 23.20
N THR A 95 16.86 10.56 22.61
CA THR A 95 15.59 10.63 23.33
C THR A 95 15.03 9.21 23.37
N VAL A 96 15.06 8.63 24.56
CA VAL A 96 14.63 7.21 24.67
C VAL A 96 13.30 7.16 25.40
N THR A 97 12.75 8.29 25.85
CA THR A 97 11.44 8.20 26.52
C THR A 97 10.44 9.12 25.83
N ALA A 98 9.17 9.05 26.24
CA ALA A 98 8.14 9.94 25.66
C ALA A 98 7.93 11.13 26.57
N ALA A 99 8.27 11.00 27.85
CA ALA A 99 8.12 12.11 28.81
C ALA A 99 9.26 13.11 28.63
N VAL A 100 9.23 13.92 27.58
CA VAL A 100 10.38 14.85 27.42
C VAL A 100 9.88 16.18 26.92
N SER A 101 10.67 17.22 27.06
CA SER A 101 10.27 18.54 26.53
C SER A 101 10.69 18.61 25.08
N VAL A 102 9.72 18.58 24.19
CA VAL A 102 10.05 18.65 22.73
C VAL A 102 10.51 20.06 22.46
N ASP A 103 9.96 21.03 23.18
CA ASP A 103 10.45 22.40 22.96
C ASP A 103 11.90 22.54 23.39
N ALA A 104 12.28 21.90 24.51
CA ALA A 104 13.69 21.94 24.92
C ALA A 104 14.58 21.32 23.86
N LEU A 105 14.11 20.26 23.18
CA LEU A 105 14.93 19.62 22.17
C LEU A 105 15.10 20.52 20.95
N ASP A 106 14.04 21.23 20.55
CA ASP A 106 14.17 22.12 19.40
C ASP A 106 15.05 23.32 19.72
N ALA A 107 15.12 23.71 21.00
CA ALA A 107 16.10 24.71 21.40
C ALA A 107 17.53 24.27 21.10
N VAL A 108 17.87 23.04 21.48
CA VAL A 108 19.23 22.54 21.27
C VAL A 108 19.54 22.43 19.78
N GLU A 109 18.59 21.88 19.01
CA GLU A 109 18.75 21.89 17.55
C GLU A 109 18.96 23.32 17.04
N GLN A 110 18.09 24.25 17.43
CA GLN A 110 18.23 25.65 17.03
C GLN A 110 19.48 26.29 17.63
N GLU A 114 25.64 22.84 15.64
CA GLU A 114 27.03 22.49 15.35
C GLU A 114 27.77 22.03 16.61
N CYS A 115 27.02 21.75 17.67
CA CYS A 115 27.56 21.32 18.95
C CYS A 115 27.02 19.97 19.41
N THR A 116 25.89 19.51 18.86
CA THR A 116 25.20 18.33 19.33
C THR A 116 24.23 17.89 18.25
N GLU A 117 24.34 16.63 17.82
CA GLU A 117 23.42 16.08 16.81
C GLU A 117 22.30 15.40 17.56
N LEU A 118 21.06 15.60 17.15
CA LEU A 118 19.98 14.91 17.85
C LEU A 118 19.68 13.61 17.11
N VAL A 119 19.71 12.47 17.79
CA VAL A 119 19.42 11.17 17.13
C VAL A 119 18.43 10.43 18.00
N PRO A 120 17.11 10.48 17.78
CA PRO A 120 16.54 11.02 16.57
C PRO A 120 16.36 12.53 16.58
N ASN A 121 15.96 13.09 15.44
CA ASN A 121 15.69 14.53 15.20
C ASN A 121 14.56 15.03 16.09
N ALA A 122 14.57 16.31 16.42
CA ALA A 122 13.47 16.85 17.23
C ALA A 122 12.21 16.78 16.38
N ARG A 123 12.37 16.82 15.07
CA ARG A 123 11.25 16.61 14.18
C ARG A 123 10.55 15.28 14.48
N ALA A 124 11.32 14.19 14.45
CA ALA A 124 10.73 12.86 14.63
C ALA A 124 10.09 12.74 16.00
N VAL A 125 10.76 13.25 17.04
CA VAL A 125 10.22 13.21 18.40
C VAL A 125 8.88 13.91 18.45
N ARG A 126 8.79 15.09 17.84
CA ARG A 126 7.53 15.84 17.87
C ARG A 126 6.44 15.14 17.08
N CYS A 127 6.76 14.63 15.88
CA CYS A 127 5.72 14.07 15.04
C CYS A 127 5.10 12.83 15.66
N THR A 128 5.91 12.03 16.35
CA THR A 128 5.43 10.73 16.79
C THR A 128 4.83 10.75 18.17
N ALA A 129 4.92 11.86 18.89
CA ALA A 129 4.21 12.02 20.14
C ALA A 129 2.87 12.71 19.96
N ASP A 130 2.65 13.32 18.81
CA ASP A 130 1.37 13.94 18.45
C ASP A 130 0.59 12.90 17.66
N ARG A 131 -0.30 12.17 18.34
CA ARG A 131 -0.94 11.04 17.69
C ARG A 131 -1.81 11.48 16.52
N GLU A 132 -2.58 12.56 16.71
CA GLU A 132 -3.40 13.10 15.63
C GLU A 132 -2.55 13.50 14.43
N GLY A 133 -1.45 14.23 14.68
CA GLY A 133 -0.64 14.74 13.59
C GLY A 133 0.14 13.66 12.87
N LEU A 134 0.44 12.56 13.55
CA LEU A 134 1.14 11.47 12.89
C LEU A 134 0.21 10.69 11.98
N ARG A 135 -1.03 10.44 12.43
CA ARG A 135 -2.01 9.83 11.55
C ARG A 135 -2.23 10.67 10.31
N ARG A 136 -2.46 11.98 10.49
CA ARG A 136 -2.69 12.87 9.36
C ARG A 136 -1.47 12.96 8.47
N LEU A 137 -0.26 12.87 9.05
CA LEU A 137 0.93 12.79 8.23
C LEU A 137 0.96 11.49 7.42
N ALA A 138 0.59 10.38 8.03
CA ALA A 138 0.70 9.10 7.34
C ALA A 138 -0.35 8.99 6.24
N ALA A 139 -1.61 9.27 6.57
CA ALA A 139 -2.71 9.05 5.66
C ALA A 139 -2.91 10.18 4.66
N ASP A 140 -2.63 11.43 5.04
CA ASP A 140 -2.97 12.54 4.16
C ASP A 140 -1.77 13.00 3.33
N GLN A 141 -0.68 13.42 3.97
CA GLN A 141 0.47 13.91 3.23
C GLN A 141 1.15 12.79 2.46
N LEU A 142 1.61 11.76 3.16
CA LEU A 142 1.93 10.52 2.46
C LEU A 142 0.62 9.81 2.14
N GLY A 143 0.67 8.91 1.18
CA GLY A 143 -0.60 8.29 0.83
C GLY A 143 -0.80 6.95 1.49
N LEU A 144 -0.40 6.85 2.75
CA LEU A 144 -0.24 5.55 3.38
C LEU A 144 -1.60 4.95 3.71
N PRO A 145 -1.76 3.63 3.57
CA PRO A 145 -3.05 3.00 3.84
C PRO A 145 -3.21 2.72 5.32
N THR A 146 -4.30 3.19 5.85
CA THR A 146 -4.64 2.95 7.27
C THR A 146 -6.07 2.45 7.35
N ALA A 147 -6.50 2.13 8.55
CA ALA A 147 -7.91 1.77 8.77
C ALA A 147 -8.68 3.08 8.74
N PRO A 148 -9.89 3.13 8.17
CA PRO A 148 -10.67 4.35 8.15
C PRO A 148 -10.81 4.99 9.53
N PHE A 149 -10.50 6.27 9.63
CA PHE A 149 -10.56 6.91 10.96
C PHE A 149 -11.07 8.33 10.85
N TRP A 150 -11.76 8.79 11.89
CA TRP A 150 -12.32 10.16 11.92
C TRP A 150 -12.05 10.79 13.26
N PHE A 151 -11.71 12.06 13.27
CA PHE A 151 -11.59 12.83 14.50
C PHE A 151 -12.84 13.67 14.64
N VAL A 152 -13.58 13.48 15.73
CA VAL A 152 -14.81 14.21 15.98
C VAL A 152 -14.61 15.07 17.24
N GLY A 153 -15.57 15.95 17.48
CA GLY A 153 -15.50 16.85 18.62
C GLY A 153 -16.90 17.19 19.14
N SER A 154 -17.91 16.52 18.59
CA SER A 154 -19.29 16.63 19.02
C SER A 154 -19.84 15.24 19.22
N LEU A 155 -21.04 15.18 19.77
CA LEU A 155 -21.82 13.96 19.63
C LEU A 155 -22.33 13.83 18.20
N GLY A 156 -22.81 14.93 17.63
CA GLY A 156 -23.32 14.89 16.26
C GLY A 156 -22.30 14.41 15.25
N GLU A 157 -21.05 14.81 15.41
CA GLU A 157 -20.00 14.30 14.53
C GLU A 157 -19.92 12.78 14.61
N LEU A 158 -19.97 12.24 15.83
CA LEU A 158 -20.03 10.79 15.98
C LEU A 158 -21.23 10.21 15.26
N GLN A 159 -22.39 10.84 15.45
CA GLN A 159 -23.63 10.33 14.86
C GLN A 159 -23.48 10.08 13.37
N ALA A 160 -22.94 11.06 12.66
CA ALA A 160 -22.73 10.90 11.22
C ALA A 160 -21.83 9.71 10.94
N VAL A 161 -20.67 9.66 11.60
CA VAL A 161 -19.68 8.65 11.28
C VAL A 161 -20.29 7.27 11.38
N ALA A 162 -21.03 7.01 12.46
CA ALA A 162 -21.70 5.72 12.61
C ALA A 162 -22.64 5.45 11.45
N VAL A 163 -23.43 6.44 11.04
CA VAL A 163 -24.33 6.28 9.91
C VAL A 163 -23.54 6.00 8.64
N HIS A 164 -22.44 6.72 8.46
CA HIS A 164 -21.62 6.55 7.25
C HIS A 164 -20.83 5.24 7.30
N ALA A 165 -20.01 5.09 8.32
CA ALA A 165 -19.05 3.98 8.51
C ALA A 165 -19.69 2.63 8.83
N GLY A 166 -20.69 2.59 9.69
CA GLY A 166 -21.28 1.27 9.99
C GLY A 166 -20.67 0.68 11.24
N PHE A 167 -20.87 -0.59 11.53
CA PHE A 167 -20.32 -1.05 12.81
C PHE A 167 -19.42 -2.27 12.60
N PRO A 168 -18.53 -2.63 13.53
CA PRO A 168 -18.29 -1.85 14.73
C PRO A 168 -17.33 -0.69 14.51
N LEU A 169 -17.31 0.23 15.48
CA LEU A 169 -16.42 1.41 15.49
C LEU A 169 -15.52 1.32 16.71
N LEU A 170 -14.48 2.12 16.75
CA LEU A 170 -13.51 2.02 17.85
C LEU A 170 -13.38 3.40 18.46
N VAL A 171 -14.39 3.84 19.19
CA VAL A 171 -14.31 5.20 19.73
C VAL A 171 -13.25 5.23 20.82
N SER A 172 -12.32 6.14 20.68
CA SER A 172 -11.18 6.30 21.55
C SER A 172 -10.99 7.77 21.85
N PRO A 173 -10.61 8.13 23.07
CA PRO A 173 -10.22 9.51 23.34
C PRO A 173 -8.98 9.86 22.53
N VAL A 174 -8.97 11.07 21.98
CA VAL A 174 -7.93 11.46 21.02
C VAL A 174 -6.51 11.31 21.58
N GLY A 181 -10.72 5.35 28.41
CA GLY A 181 -10.25 4.16 27.74
C GLY A 181 -10.90 4.00 26.37
N SER A 182 -10.37 3.07 25.59
CA SER A 182 -10.77 2.89 24.20
C SER A 182 -11.98 1.96 24.12
N SER A 183 -13.17 2.56 24.14
CA SER A 183 -14.43 1.85 23.99
C SER A 183 -14.60 1.34 22.57
N VAL A 184 -15.40 0.26 22.43
CA VAL A 184 -15.68 -0.37 21.15
C VAL A 184 -17.13 -0.10 20.78
N VAL A 185 -17.37 0.96 20.00
CA VAL A 185 -18.73 1.23 19.55
C VAL A 185 -19.10 0.22 18.47
N ALA A 186 -19.68 -0.88 18.97
CA ALA A 186 -20.17 -2.06 18.22
C ALA A 186 -21.68 -2.00 17.93
N GLY A 187 -22.33 -0.87 18.12
CA GLY A 187 -23.76 -0.79 17.79
C GLY A 187 -24.29 0.60 18.04
N PRO A 188 -25.48 0.99 17.56
CA PRO A 188 -26.01 2.35 17.78
C PRO A 188 -26.47 2.74 19.20
N ALA A 199 -27.06 4.56 6.64
CA ALA A 199 -27.23 5.23 5.34
C ALA A 199 -28.39 4.58 4.58
N GLY A 200 -29.36 5.37 4.14
CA GLY A 200 -30.50 4.80 3.41
C GLY A 200 -30.09 4.51 1.97
N HIS A 201 -29.16 5.29 1.45
CA HIS A 201 -28.68 5.11 0.06
C HIS A 201 -27.16 4.99 0.05
N GLN A 202 -26.60 4.32 -0.95
CA GLN A 202 -25.13 4.12 -1.09
C GLN A 202 -24.47 5.45 -1.42
N VAL A 203 -25.15 6.27 -2.22
CA VAL A 203 -24.71 7.64 -2.52
C VAL A 203 -25.37 8.51 -1.46
N GLN A 204 -24.59 8.92 -0.47
CA GLN A 204 -25.01 9.66 0.75
C GLN A 204 -24.68 11.17 0.72
N PRO A 212 -12.76 18.37 23.83
CA PRO A 212 -11.63 18.03 22.94
C PRO A 212 -12.04 17.00 21.90
N ARG A 213 -11.07 16.66 21.04
CA ARG A 213 -11.30 15.74 19.94
C ARG A 213 -11.41 14.30 20.43
N VAL A 214 -12.14 13.48 19.67
CA VAL A 214 -12.28 12.06 19.94
C VAL A 214 -12.14 11.30 18.62
N CYS A 215 -11.30 10.27 18.62
CA CYS A 215 -10.94 9.58 17.40
C CYS A 215 -11.83 8.35 17.18
N ALA A 216 -12.39 8.25 15.98
CA ALA A 216 -13.24 7.12 15.62
C ALA A 216 -12.55 6.31 14.51
N GLU A 217 -12.48 5.00 14.71
CA GLU A 217 -11.82 4.08 13.78
C GLU A 217 -12.78 2.99 13.36
N SER A 218 -12.84 2.73 12.05
CA SER A 218 -13.50 1.54 11.55
C SER A 218 -12.62 0.33 11.81
N VAL A 219 -13.26 -0.78 12.15
CA VAL A 219 -12.54 -1.99 12.54
C VAL A 219 -12.38 -2.91 11.35
N VAL A 220 -11.16 -3.39 11.15
CA VAL A 220 -10.80 -4.20 10.00
C VAL A 220 -10.29 -5.55 10.50
N GLU A 221 -10.46 -6.56 9.67
CA GLU A 221 -9.99 -7.89 10.03
C GLU A 221 -8.46 -7.91 9.96
N ILE A 222 -7.84 -8.55 10.95
CA ILE A 222 -6.39 -8.57 11.07
C ILE A 222 -5.93 -9.99 11.34
N GLU A 223 -4.91 -10.42 10.61
CA GLU A 223 -4.21 -11.68 10.86
C GLU A 223 -3.10 -11.42 11.88
N PHE A 224 -2.08 -10.65 11.49
CA PHE A 224 -0.91 -10.38 12.31
C PHE A 224 -0.75 -8.89 12.62
N LEU A 225 -0.37 -8.60 13.85
CA LEU A 225 0.38 -7.40 14.12
C LEU A 225 1.85 -7.67 13.83
N VAL A 226 2.50 -6.69 13.22
CA VAL A 226 3.89 -6.84 12.78
C VAL A 226 4.65 -5.56 13.07
N THR A 227 5.86 -5.72 13.61
CA THR A 227 6.78 -4.61 13.79
C THR A 227 7.87 -4.66 12.72
N MET A 228 7.96 -3.59 11.93
CA MET A 228 9.05 -3.40 10.96
C MET A 228 10.07 -2.48 11.60
N ILE A 229 11.25 -3.02 11.90
CA ILE A 229 12.34 -2.23 12.44
C ILE A 229 13.13 -1.71 11.28
N VAL A 230 13.20 -0.37 11.18
CA VAL A 230 13.94 0.31 10.13
C VAL A 230 15.12 1.03 10.77
N VAL A 231 16.29 0.87 10.16
CA VAL A 231 17.54 1.41 10.67
C VAL A 231 18.07 2.38 9.64
N CYS A 232 18.38 3.60 10.08
CA CYS A 232 18.98 4.61 9.23
C CYS A 232 20.30 5.02 9.86
N SER A 233 21.39 4.75 9.16
CA SER A 233 22.69 5.20 9.63
C SER A 233 23.51 5.66 8.44
N GLN A 234 24.78 5.92 8.70
CA GLN A 234 25.75 6.14 7.66
C GLN A 234 26.64 4.89 7.60
N GLY A 235 26.99 4.49 6.38
CA GLY A 235 27.98 3.46 6.21
C GLY A 235 29.32 4.10 5.91
N PRO A 236 30.33 3.29 5.56
CA PRO A 236 31.57 3.87 5.05
C PRO A 236 31.40 4.55 3.68
N ASN A 237 30.20 4.52 3.09
CA ASN A 237 29.87 5.14 1.81
C ASN A 237 28.63 6.03 1.90
N GLY A 238 28.30 6.51 3.10
CA GLY A 238 27.19 7.42 3.27
C GLY A 238 25.95 6.78 3.85
N PRO A 239 24.79 7.30 3.45
CA PRO A 239 23.54 6.89 4.09
C PRO A 239 23.20 5.44 3.83
N LEU A 240 22.70 4.77 4.87
CA LEU A 240 22.19 3.42 4.81
C LEU A 240 20.74 3.42 5.29
N ILE A 241 19.89 2.63 4.63
CA ILE A 241 18.57 2.35 5.19
C ILE A 241 18.31 0.84 5.10
N GLU A 242 18.27 0.18 6.25
CA GLU A 242 18.14 -1.27 6.37
C GLU A 242 16.79 -1.63 6.99
N PHE A 243 16.27 -2.79 6.60
CA PHE A 243 15.04 -3.32 7.15
C PHE A 243 15.31 -4.60 7.92
N CYS A 244 14.76 -4.71 9.10
CA CYS A 244 14.86 -6.00 9.74
C CYS A 244 13.83 -6.96 9.16
N ALA A 245 13.96 -8.25 9.48
CA ALA A 245 12.91 -9.20 9.15
C ALA A 245 11.68 -8.88 9.99
N PRO A 246 10.48 -9.01 9.42
CA PRO A 246 9.26 -8.65 10.15
C PRO A 246 9.22 -9.34 11.49
N ILE A 247 8.76 -8.62 12.51
CA ILE A 247 8.59 -9.16 13.86
C ILE A 247 7.10 -9.24 14.11
N GLY A 248 6.58 -10.47 14.30
CA GLY A 248 5.19 -10.66 14.70
C GLY A 248 5.03 -10.56 16.21
N HIS A 249 3.91 -10.00 16.65
CA HIS A 249 3.69 -9.86 18.08
C HIS A 249 2.20 -9.85 18.40
N ARG A 250 1.90 -10.00 19.69
CA ARG A 250 0.54 -10.14 20.19
C ARG A 250 0.53 -10.19 21.71
N ASP A 251 -0.63 -9.87 22.28
CA ASP A 251 -0.87 -9.91 23.73
C ASP A 251 -1.12 -11.35 24.13
N ALA A 252 -0.46 -11.81 25.18
CA ALA A 252 -0.57 -13.21 25.57
C ALA A 252 -1.34 -13.37 26.87
N ASP A 253 -1.64 -14.62 27.18
CA ASP A 253 -2.44 -15.06 28.36
C ASP A 253 -2.26 -14.18 29.60
N ALA A 254 -1.10 -14.21 30.27
CA ALA A 254 -1.01 -13.49 31.56
C ALA A 254 -0.68 -12.00 31.45
N GLY A 255 -1.26 -11.26 30.51
CA GLY A 255 -0.91 -9.82 30.37
C GLY A 255 0.54 -9.61 29.94
N GLU A 256 1.07 -10.55 29.17
CA GLU A 256 2.46 -10.49 28.71
C GLU A 256 2.45 -10.22 27.23
N LEU A 257 3.53 -9.68 26.73
CA LEU A 257 3.60 -9.52 25.29
C LEU A 257 4.45 -10.66 24.71
N GLU A 258 3.97 -11.25 23.61
CA GLU A 258 4.69 -12.27 22.86
C GLU A 258 5.14 -11.69 21.52
N SER A 259 6.38 -11.97 21.15
CA SER A 259 6.87 -11.59 19.83
C SER A 259 7.69 -12.74 19.28
N TRP A 260 8.01 -12.65 17.99
CA TRP A 260 8.73 -13.70 17.28
C TRP A 260 9.19 -13.13 15.95
N GLN A 261 10.25 -13.73 15.40
CA GLN A 261 10.97 -13.23 14.23
C GLN A 261 11.62 -14.42 13.55
N PRO A 262 11.45 -14.60 12.24
CA PRO A 262 10.65 -13.76 11.35
C PRO A 262 9.18 -14.17 11.26
N GLN A 263 8.31 -13.19 11.08
CA GLN A 263 6.93 -13.44 10.64
C GLN A 263 6.90 -13.55 9.12
N LYS A 264 6.40 -14.68 8.60
CA LYS A 264 6.34 -14.85 7.15
C LYS A 264 5.27 -13.91 6.55
N LEU A 265 5.60 -13.33 5.40
CA LEU A 265 4.65 -12.54 4.64
C LEU A 265 4.72 -12.98 3.18
N SER A 266 3.61 -12.82 2.48
CA SER A 266 3.64 -13.01 1.05
C SER A 266 4.49 -11.94 0.38
N THR A 267 4.96 -12.25 -0.82
CA THR A 267 5.66 -11.23 -1.59
C THR A 267 4.88 -9.92 -1.63
N ALA A 268 3.58 -9.97 -1.95
CA ALA A 268 2.84 -8.71 -2.05
C ALA A 268 2.74 -8.04 -0.69
N ALA A 269 2.52 -8.83 0.36
CA ALA A 269 2.47 -8.25 1.69
C ALA A 269 3.82 -7.66 2.09
N LEU A 270 4.91 -8.35 1.78
CA LEU A 270 6.22 -7.85 2.19
C LEU A 270 6.60 -6.63 1.38
N ASP A 271 6.24 -6.58 0.09
CA ASP A 271 6.50 -5.39 -0.72
C ASP A 271 5.76 -4.19 -0.16
N ALA A 272 4.47 -4.38 0.15
CA ALA A 272 3.70 -3.30 0.77
C ALA A 272 4.37 -2.83 2.06
N ALA A 273 4.79 -3.78 2.92
CA ALA A 273 5.30 -3.41 4.24
C ALA A 273 6.58 -2.59 4.13
N LYS A 274 7.55 -3.08 3.35
CA LYS A 274 8.76 -2.30 3.13
C LYS A 274 8.44 -0.91 2.62
N SER A 275 7.52 -0.84 1.65
CA SER A 275 7.17 0.43 1.05
C SER A 275 6.64 1.41 2.09
N ILE A 276 5.65 0.97 2.88
CA ILE A 276 5.06 1.80 3.94
C ILE A 276 6.11 2.17 4.99
N ALA A 277 6.81 1.17 5.53
CA ALA A 277 7.89 1.41 6.50
C ALA A 277 8.88 2.45 5.96
N ALA A 278 9.35 2.27 4.72
CA ALA A 278 10.36 3.16 4.17
C ALA A 278 9.83 4.59 4.02
N ARG A 279 8.55 4.73 3.69
CA ARG A 279 8.07 6.08 3.38
C ARG A 279 7.81 6.89 4.64
N ILE A 280 7.19 6.32 5.67
CA ILE A 280 7.03 7.09 6.91
C ILE A 280 8.40 7.43 7.51
N VAL A 281 9.40 6.56 7.35
CA VAL A 281 10.68 6.82 8.00
C VAL A 281 11.41 7.93 7.28
N LYS A 282 11.36 7.95 5.94
CA LYS A 282 12.04 9.03 5.21
C LYS A 282 11.37 10.37 5.45
N ALA A 283 10.06 10.40 5.70
CA ALA A 283 9.41 11.66 6.05
C ALA A 283 9.91 12.19 7.38
N LEU A 284 10.18 11.31 8.34
CA LEU A 284 10.75 11.77 9.60
C LEU A 284 12.18 12.24 9.42
N GLY A 285 12.99 11.51 8.65
CA GLY A 285 14.36 11.89 8.41
C GLY A 285 15.27 11.69 9.61
N GLY A 286 16.55 11.93 9.40
CA GLY A 286 17.54 11.78 10.44
C GLY A 286 17.96 10.34 10.64
N ARG A 287 19.03 10.18 11.38
CA ARG A 287 19.50 8.86 11.75
C ARG A 287 18.66 8.28 12.89
N GLY A 288 18.59 6.96 12.95
CA GLY A 288 17.90 6.34 14.06
C GLY A 288 17.43 4.95 13.75
N VAL A 289 16.76 4.37 14.74
CA VAL A 289 16.13 3.07 14.62
C VAL A 289 14.64 3.30 14.84
N PHE A 290 13.84 2.92 13.86
CA PHE A 290 12.41 3.20 13.90
C PHE A 290 11.67 1.87 13.92
N GLY A 291 10.65 1.80 14.78
CA GLY A 291 9.73 0.69 14.79
C GLY A 291 8.43 1.12 14.13
N VAL A 292 8.09 0.43 13.05
CA VAL A 292 6.91 0.80 12.28
C VAL A 292 5.87 -0.27 12.50
N GLU A 293 4.71 0.14 13.01
CA GLU A 293 3.67 -0.81 13.37
C GLU A 293 2.70 -0.99 12.22
N LEU A 294 2.45 -2.25 11.87
CA LEU A 294 1.55 -2.59 10.76
C LEU A 294 0.55 -3.68 11.19
N MET A 295 -0.56 -3.70 10.47
CA MET A 295 -1.62 -4.70 10.58
C MET A 295 -1.74 -5.39 9.24
N ILE A 296 -1.84 -6.71 9.26
CA ILE A 296 -1.74 -7.52 8.05
C ILE A 296 -2.89 -8.49 8.00
N ASN A 297 -3.49 -8.60 6.85
CA ASN A 297 -4.55 -9.54 6.57
C ASN A 297 -4.28 -10.06 5.16
N GLY A 298 -3.48 -11.11 5.05
CA GLY A 298 -3.12 -11.67 3.76
C GLY A 298 -2.34 -10.72 2.91
N ASP A 299 -2.99 -10.09 1.93
CA ASP A 299 -2.31 -9.13 1.02
C ASP A 299 -2.39 -7.70 1.55
N GLU A 300 -3.32 -7.38 2.44
CA GLU A 300 -3.46 -5.97 2.84
C GLU A 300 -2.57 -5.60 4.00
N VAL A 301 -1.91 -4.44 3.91
CA VAL A 301 -1.07 -3.95 4.97
C VAL A 301 -1.55 -2.56 5.35
N TYR A 302 -1.70 -2.34 6.65
CA TYR A 302 -2.16 -1.06 7.19
C TYR A 302 -1.10 -0.48 8.09
N PHE A 303 -0.89 0.81 7.92
CA PHE A 303 -0.09 1.56 8.87
C PHE A 303 -0.87 1.73 10.18
N ALA A 304 -0.25 1.42 11.30
CA ALA A 304 -0.88 1.74 12.58
C ALA A 304 -0.12 2.78 13.39
N ASP A 305 1.21 2.73 13.40
CA ASP A 305 1.99 3.64 14.23
C ASP A 305 3.48 3.53 13.90
N VAL A 306 4.26 4.47 14.44
CA VAL A 306 5.71 4.42 14.42
C VAL A 306 6.24 5.01 15.71
N THR A 307 7.27 4.36 16.29
CA THR A 307 7.96 4.90 17.45
C THR A 307 9.45 5.07 17.18
N VAL A 308 10.02 6.15 17.72
CA VAL A 308 11.44 6.44 17.62
C VAL A 308 12.21 5.76 18.76
N CYS A 309 11.53 4.91 19.53
CA CYS A 309 12.12 4.21 20.67
C CYS A 309 12.01 2.69 20.51
N PRO A 310 12.99 1.92 21.02
CA PRO A 310 12.96 0.47 20.79
C PRO A 310 11.75 -0.21 21.40
N ALA A 311 10.86 -0.72 20.56
CA ALA A 311 9.61 -1.30 21.03
C ALA A 311 9.85 -2.55 21.88
N GLY A 312 8.90 -2.81 22.78
CA GLY A 312 8.91 -4.06 23.52
C GLY A 312 9.02 -5.28 22.63
N SER A 313 8.39 -5.25 21.44
CA SER A 313 8.49 -6.42 20.57
C SER A 313 9.90 -6.64 20.03
N ALA A 314 10.74 -5.59 20.00
CA ALA A 314 12.09 -5.72 19.50
C ALA A 314 12.97 -6.63 20.36
N TRP A 315 12.57 -6.92 21.61
CA TRP A 315 13.39 -7.71 22.53
C TRP A 315 13.84 -9.04 21.95
N VAL A 316 13.04 -9.63 21.05
CA VAL A 316 13.45 -10.90 20.44
C VAL A 316 14.80 -10.76 19.75
N THR A 317 15.13 -9.57 19.24
CA THR A 317 16.34 -9.38 18.46
C THR A 317 17.60 -9.65 19.28
N VAL A 318 17.52 -9.50 20.62
CA VAL A 318 18.69 -9.73 21.47
C VAL A 318 19.29 -11.09 21.19
N ARG A 319 18.47 -12.06 20.77
CA ARG A 319 18.96 -13.39 20.43
C ARG A 319 18.73 -13.83 18.99
N SER A 320 17.82 -13.18 18.25
CA SER A 320 17.53 -13.69 16.91
C SER A 320 18.31 -13.00 15.80
N GLN A 321 18.91 -11.84 16.05
CA GLN A 321 19.69 -11.14 15.06
C GLN A 321 21.15 -11.09 15.47
N ARG A 322 22.04 -11.07 14.46
CA ARG A 322 23.45 -10.77 14.71
C ARG A 322 23.60 -9.52 15.58
N LEU A 323 22.95 -8.42 15.19
CA LEU A 323 22.99 -7.16 15.95
C LEU A 323 21.59 -6.89 16.52
N SER A 324 21.50 -6.78 17.84
CA SER A 324 20.21 -6.53 18.46
C SER A 324 19.76 -5.10 18.18
N VAL A 325 18.47 -4.86 18.40
CA VAL A 325 17.92 -3.53 18.15
C VAL A 325 18.71 -2.47 18.90
N PHE A 326 19.30 -2.86 20.04
CA PHE A 326 20.15 -1.96 20.83
C PHE A 326 21.53 -1.77 20.23
N GLU A 327 22.13 -2.84 19.70
CA GLU A 327 23.40 -2.65 18.99
C GLU A 327 23.17 -1.85 17.72
N LEU A 328 22.04 -2.06 17.04
CA LEU A 328 21.76 -1.24 15.86
C LEU A 328 21.60 0.23 16.24
N GLN A 329 20.87 0.53 17.33
CA GLN A 329 20.70 1.94 17.65
C GLN A 329 21.97 2.54 18.26
N ALA A 330 22.83 1.75 18.88
CA ALA A 330 24.14 2.29 19.22
C ALA A 330 24.91 2.67 17.95
N ARG A 331 24.90 1.80 16.93
CA ARG A 331 25.64 2.13 15.71
C ARG A 331 25.00 3.28 14.95
N ALA A 332 23.66 3.37 14.93
CA ALA A 332 22.96 4.44 14.23
C ALA A 332 23.24 5.81 14.87
N ILE A 333 23.17 5.88 16.20
CA ILE A 333 23.47 7.12 16.91
C ILE A 333 24.83 7.65 16.50
N LEU A 334 25.81 6.75 16.44
CA LEU A 334 27.19 7.13 16.18
C LEU A 334 27.53 7.16 14.70
N GLY A 335 26.58 6.81 13.81
CA GLY A 335 26.81 6.94 12.38
C GLY A 335 27.71 5.88 11.80
N LEU A 336 27.60 4.66 12.29
CA LEU A 336 28.42 3.55 11.83
C LEU A 336 27.58 2.59 10.99
N ALA A 337 28.27 1.74 10.23
CA ALA A 337 27.62 0.76 9.36
C ALA A 337 26.84 -0.27 10.16
N VAL A 338 25.78 -0.78 9.54
CA VAL A 338 24.94 -1.81 10.14
C VAL A 338 24.56 -2.84 9.08
N ASP A 339 24.13 -4.00 9.57
CA ASP A 339 23.46 -5.00 8.76
C ASP A 339 22.28 -5.50 9.58
N THR A 340 21.41 -6.29 8.96
CA THR A 340 20.22 -6.81 9.61
C THR A 340 20.16 -8.34 9.51
N LEU A 341 21.31 -8.99 9.44
CA LEU A 341 21.37 -10.45 9.40
C LEU A 341 20.72 -11.08 10.62
N MET A 342 20.01 -12.18 10.39
CA MET A 342 19.39 -12.98 11.44
C MET A 342 20.26 -14.17 11.83
N ILE A 343 20.38 -14.42 13.14
CA ILE A 343 21.04 -15.63 13.62
C ILE A 343 20.17 -16.85 13.34
N SER A 344 18.90 -16.78 13.71
CA SER A 344 18.02 -17.93 13.78
C SER A 344 16.62 -17.44 14.17
N PRO A 345 15.57 -18.18 13.84
CA PRO A 345 14.24 -17.82 14.35
C PRO A 345 14.25 -17.73 15.87
N GLY A 346 13.36 -16.89 16.42
CA GLY A 346 13.31 -16.72 17.86
C GLY A 346 11.95 -16.23 18.31
N ALA A 347 11.74 -16.25 19.63
CA ALA A 347 10.54 -15.66 20.21
C ALA A 347 10.88 -15.06 21.55
N ALA A 348 10.02 -14.16 22.00
CA ALA A 348 10.24 -13.53 23.28
C ALA A 348 8.91 -13.33 23.98
N ARG A 349 9.00 -13.21 25.30
CA ARG A 349 7.82 -12.92 26.10
C ARG A 349 8.24 -11.89 27.12
N VAL A 350 7.64 -10.71 27.04
CA VAL A 350 7.92 -9.65 28.01
C VAL A 350 6.86 -9.75 29.11
N ILE A 351 7.31 -10.08 30.32
CA ILE A 351 6.48 -10.16 31.51
C ILE A 351 6.46 -8.80 32.20
N ASN A 352 5.30 -8.41 32.75
CA ASN A 352 5.17 -7.14 33.47
C ASN A 352 4.49 -7.29 34.83
N PRO A 366 13.17 -12.90 41.06
CA PRO A 366 13.62 -14.07 40.29
C PRO A 366 14.07 -15.21 41.22
N PRO A 367 13.11 -15.94 41.80
CA PRO A 367 13.46 -16.98 42.77
C PRO A 367 14.51 -17.92 42.21
N ALA A 368 15.44 -18.35 43.07
CA ALA A 368 16.54 -19.20 42.63
C ALA A 368 16.04 -20.49 41.98
N ASP A 369 14.91 -21.01 42.48
CA ASP A 369 14.33 -22.21 41.91
C ASP A 369 13.80 -21.98 40.50
N ALA A 370 13.10 -20.86 40.29
CA ALA A 370 12.44 -20.64 39.01
C ALA A 370 13.45 -20.51 37.88
N LEU A 371 14.58 -19.84 38.14
CA LEU A 371 15.60 -19.63 37.12
C LEU A 371 16.17 -20.96 36.63
N THR A 372 16.61 -21.82 37.56
CA THR A 372 17.11 -23.13 37.19
C THR A 372 16.17 -23.85 36.23
N GLY A 373 14.87 -23.78 36.51
CA GLY A 373 13.91 -24.47 35.66
C GLY A 373 13.80 -23.82 34.30
N ALA A 374 13.73 -22.49 34.29
CA ALA A 374 13.54 -21.77 33.04
C ALA A 374 14.67 -22.05 32.04
N LEU A 375 15.91 -22.04 32.51
CA LEU A 375 17.09 -22.22 31.64
C LEU A 375 17.31 -23.69 31.29
N GLY A 376 16.44 -24.58 31.72
CA GLY A 376 16.55 -25.99 31.35
C GLY A 376 15.99 -26.21 29.98
N VAL A 377 15.14 -25.31 29.51
CA VAL A 377 14.55 -25.31 28.16
C VAL A 377 15.65 -25.04 27.15
N PRO A 378 15.83 -25.88 26.13
CA PRO A 378 16.86 -25.66 25.13
C PRO A 378 16.83 -24.35 24.35
N GLU A 379 18.02 -23.78 24.13
CA GLU A 379 18.32 -22.53 23.39
C GLU A 379 17.63 -21.36 24.05
N SER A 380 17.53 -21.36 25.35
CA SER A 380 16.79 -20.30 26.04
C SER A 380 17.71 -19.28 26.70
N ASP A 381 17.16 -18.10 26.91
CA ASP A 381 17.86 -17.02 27.62
C ASP A 381 16.84 -16.23 28.41
N VAL A 382 17.36 -15.38 29.27
CA VAL A 382 16.48 -14.57 30.15
C VAL A 382 17.17 -13.24 30.46
N VAL A 383 16.41 -12.18 30.65
CA VAL A 383 16.91 -10.85 31.07
C VAL A 383 16.06 -10.42 32.26
N ILE A 384 16.60 -10.48 33.47
CA ILE A 384 15.87 -10.13 34.74
C ILE A 384 16.01 -8.64 34.96
N PHE A 385 14.98 -7.95 35.43
CA PHE A 385 15.08 -6.48 35.47
C PHE A 385 14.49 -5.79 36.70
N GLY A 386 14.28 -6.40 37.86
CA GLY A 386 13.73 -5.54 38.93
C GLY A 386 12.35 -5.98 39.36
N ARG A 387 11.37 -5.09 39.55
CA ARG A 387 10.18 -5.79 40.03
C ARG A 387 9.24 -6.03 38.85
N GLY A 388 8.85 -7.28 38.65
CA GLY A 388 7.89 -7.62 37.62
C GLY A 388 8.39 -7.48 36.21
N LEU A 389 9.64 -7.07 35.98
CA LEU A 389 10.16 -6.92 34.63
C LEU A 389 11.13 -8.07 34.34
N GLY A 390 10.85 -8.79 33.27
CA GLY A 390 11.75 -9.82 32.78
C GLY A 390 11.39 -10.17 31.36
N VAL A 391 12.37 -10.69 30.64
CA VAL A 391 12.18 -11.14 29.26
C VAL A 391 12.58 -12.61 29.18
N ALA A 392 11.69 -13.43 28.65
CA ALA A 392 11.98 -14.83 28.36
C ALA A 392 12.29 -14.96 26.88
N LEU A 393 13.37 -15.68 26.56
CA LEU A 393 13.80 -15.78 25.16
C LEU A 393 14.14 -17.22 24.80
N ALA A 394 13.82 -17.60 23.58
CA ALA A 394 14.27 -18.86 23.01
C ALA A 394 14.55 -18.66 21.54
N THR A 395 15.45 -19.47 21.00
CA THR A 395 15.60 -19.61 19.57
C THR A 395 15.44 -21.08 19.22
N ALA A 396 15.36 -21.36 17.93
CA ALA A 396 15.06 -22.69 17.41
C ALA A 396 15.22 -22.68 15.90
N PRO A 397 15.32 -23.84 15.26
CA PRO A 397 15.29 -23.85 13.78
C PRO A 397 13.95 -23.41 13.22
N GLU A 398 12.88 -23.38 14.01
CA GLU A 398 11.60 -22.90 13.51
C GLU A 398 10.95 -21.98 14.53
N VAL A 399 10.20 -21.01 13.99
CA VAL A 399 9.51 -20.05 14.85
C VAL A 399 8.57 -20.78 15.80
N ALA A 400 7.93 -21.83 15.29
CA ALA A 400 6.94 -22.55 16.08
C ALA A 400 7.58 -23.17 17.32
N ILE A 401 8.75 -23.83 17.15
CA ILE A 401 9.47 -24.32 18.31
C ILE A 401 9.94 -23.17 19.17
N ALA A 402 10.39 -22.08 18.54
CA ALA A 402 10.91 -20.97 19.32
C ALA A 402 9.82 -20.35 20.19
N ARG A 403 8.58 -20.31 19.70
CA ARG A 403 7.50 -19.78 20.53
C ARG A 403 7.13 -20.75 21.65
N GLU A 404 7.14 -22.07 21.36
CA GLU A 404 6.79 -23.03 22.39
C GLU A 404 7.83 -23.04 23.52
N ARG A 405 9.12 -22.94 23.18
CA ARG A 405 10.16 -22.87 24.19
C ARG A 405 10.04 -21.61 25.03
N ALA A 406 9.73 -20.47 24.38
CA ALA A 406 9.64 -19.21 25.12
C ALA A 406 8.45 -19.24 26.07
N ARG A 407 7.35 -19.84 25.64
CA ARG A 407 6.22 -19.95 26.57
C ARG A 407 6.59 -20.85 27.74
N GLU A 408 7.42 -21.88 27.49
CA GLU A 408 7.90 -22.72 28.58
C GLU A 408 8.79 -21.93 29.53
N VAL A 409 9.79 -21.23 28.98
CA VAL A 409 10.67 -20.39 29.81
C VAL A 409 9.85 -19.44 30.67
N ALA A 410 8.88 -18.74 30.04
CA ALA A 410 8.06 -17.79 30.78
C ALA A 410 7.21 -18.49 31.83
N SER A 411 6.65 -19.65 31.49
CA SER A 411 5.82 -20.36 32.44
C SER A 411 6.63 -20.77 33.67
N ARG A 412 7.83 -21.35 33.46
CA ARG A 412 8.68 -21.78 34.59
C ARG A 412 9.17 -20.59 35.42
N LEU A 413 9.01 -19.39 34.90
CA LEU A 413 9.55 -18.17 35.49
C LEU A 413 8.51 -17.36 36.26
N ASN A 414 7.31 -17.28 35.69
CA ASN A 414 6.17 -16.56 36.31
C ASN A 414 5.16 -17.56 36.86
N ARG B 27 -29.12 0.35 -36.49
CA ARG B 27 -27.80 0.68 -35.91
C ARG B 27 -27.02 -0.59 -35.60
N ARG B 28 -25.91 -0.79 -36.31
CA ARG B 28 -25.17 -2.05 -36.28
C ARG B 28 -23.71 -1.77 -35.92
N VAL B 29 -23.26 -2.38 -34.83
CA VAL B 29 -21.90 -2.22 -34.32
C VAL B 29 -21.21 -3.54 -34.55
N MET B 30 -19.94 -3.49 -34.95
CA MET B 30 -19.15 -4.69 -35.18
C MET B 30 -17.98 -4.67 -34.20
N LEU B 31 -17.80 -5.77 -33.48
CA LEU B 31 -16.77 -5.88 -32.45
C LEU B 31 -15.65 -6.79 -32.96
N LEU B 32 -14.48 -6.21 -33.17
CA LEU B 32 -13.28 -6.99 -33.48
C LEU B 32 -12.71 -7.53 -32.17
N GLY B 33 -12.92 -8.80 -31.93
CA GLY B 33 -12.54 -9.41 -30.66
C GLY B 33 -13.76 -9.95 -29.96
N SER B 34 -13.69 -11.15 -29.43
CA SER B 34 -14.93 -11.67 -28.83
C SER B 34 -14.69 -12.29 -27.47
N ALA B 35 -13.89 -11.66 -26.63
CA ALA B 35 -13.52 -12.25 -25.33
C ALA B 35 -14.46 -11.74 -24.25
N GLU B 36 -14.03 -11.77 -23.01
CA GLU B 36 -14.99 -11.58 -21.91
C GLU B 36 -15.48 -10.12 -21.88
N PRO B 37 -14.64 -9.09 -22.03
CA PRO B 37 -15.08 -7.70 -22.00
C PRO B 37 -15.92 -7.32 -23.20
N SER B 38 -15.69 -8.01 -24.30
CA SER B 38 -16.40 -7.86 -25.57
C SER B 38 -17.82 -8.34 -25.32
N ARG B 39 -18.01 -9.22 -24.35
CA ARG B 39 -19.36 -9.68 -24.08
C ARG B 39 -20.17 -8.65 -23.33
N GLU B 40 -19.58 -8.03 -22.32
CA GLU B 40 -20.30 -7.04 -21.53
C GLU B 40 -20.62 -5.81 -22.38
N LEU B 41 -19.63 -5.30 -23.11
CA LEU B 41 -19.88 -4.24 -24.07
C LEU B 41 -21.04 -4.58 -24.98
N ALA B 42 -21.16 -5.85 -25.36
CA ALA B 42 -22.20 -6.24 -26.30
C ALA B 42 -23.57 -6.20 -25.64
N ILE B 43 -23.65 -6.62 -24.38
CA ILE B 43 -24.88 -6.47 -23.62
C ILE B 43 -25.23 -4.99 -23.54
N ALA B 44 -24.27 -4.17 -23.14
CA ALA B 44 -24.52 -2.73 -23.00
C ALA B 44 -25.08 -2.15 -24.28
N LEU B 45 -24.44 -2.45 -25.42
CA LEU B 45 -24.89 -1.90 -26.69
C LEU B 45 -26.29 -2.38 -27.06
N GLN B 46 -26.68 -3.56 -26.56
CA GLN B 46 -27.99 -4.10 -26.91
C GLN B 46 -29.09 -3.47 -26.06
N GLY B 47 -28.75 -3.06 -24.83
CA GLY B 47 -29.69 -2.30 -24.04
C GLY B 47 -30.03 -0.96 -24.66
N LEU B 48 -29.07 -0.36 -25.38
CA LEU B 48 -29.31 0.92 -26.01
C LEU B 48 -29.92 0.77 -27.39
N GLY B 49 -30.22 -0.46 -27.82
CA GLY B 49 -30.97 -0.69 -29.02
C GLY B 49 -30.19 -1.15 -30.24
N ALA B 50 -28.93 -1.50 -30.09
CA ALA B 50 -28.10 -1.80 -31.26
C ALA B 50 -27.95 -3.30 -31.47
N GLU B 51 -27.96 -3.71 -32.74
CA GLU B 51 -27.50 -5.02 -33.15
C GLU B 51 -25.98 -5.08 -33.11
N VAL B 52 -25.42 -6.18 -32.61
CA VAL B 52 -23.97 -6.32 -32.51
C VAL B 52 -23.51 -7.57 -33.27
N ILE B 53 -22.47 -7.40 -34.07
CA ILE B 53 -21.78 -8.49 -34.74
C ILE B 53 -20.48 -8.74 -33.98
N ALA B 54 -20.28 -9.98 -33.52
CA ALA B 54 -19.07 -10.35 -32.82
C ALA B 54 -18.16 -11.14 -33.75
N VAL B 55 -16.96 -10.63 -33.97
CA VAL B 55 -15.97 -11.23 -34.86
C VAL B 55 -14.82 -11.74 -34.02
N ASP B 56 -14.32 -12.94 -34.35
CA ASP B 56 -13.11 -13.43 -33.73
C ASP B 56 -12.52 -14.53 -34.62
N GLY B 57 -11.38 -15.06 -34.19
CA GLY B 57 -10.67 -16.09 -34.93
C GLY B 57 -11.23 -17.50 -34.81
N TYR B 58 -11.62 -17.92 -33.60
CA TYR B 58 -12.08 -19.27 -33.29
C TYR B 58 -13.60 -19.31 -33.12
N VAL B 59 -14.12 -20.51 -32.86
CA VAL B 59 -15.55 -20.78 -33.01
C VAL B 59 -16.35 -20.44 -31.76
N GLY B 60 -15.83 -20.75 -30.57
CA GLY B 60 -16.62 -20.50 -29.38
C GLY B 60 -16.16 -19.27 -28.61
N ALA B 61 -16.36 -18.09 -29.17
CA ALA B 61 -15.82 -17.03 -28.34
C ALA B 61 -16.92 -16.43 -27.46
N PRO B 62 -16.55 -15.84 -26.30
CA PRO B 62 -17.59 -15.40 -25.34
C PRO B 62 -18.68 -14.49 -25.88
N ALA B 63 -18.34 -13.42 -26.63
CA ALA B 63 -19.38 -12.53 -27.14
C ALA B 63 -20.19 -13.16 -28.27
N HIS B 64 -19.70 -14.24 -28.89
CA HIS B 64 -20.48 -14.97 -29.90
C HIS B 64 -21.81 -15.45 -29.33
N ARG B 65 -21.84 -15.82 -28.04
CA ARG B 65 -22.99 -16.52 -27.48
C ARG B 65 -24.22 -15.61 -27.39
N ILE B 66 -24.02 -14.34 -27.07
CA ILE B 66 -25.14 -13.42 -26.90
C ILE B 66 -25.20 -12.38 -27.98
N ALA B 67 -24.26 -12.38 -28.93
CA ALA B 67 -24.33 -11.45 -30.02
C ALA B 67 -25.50 -11.79 -30.94
N ASP B 68 -25.89 -10.80 -31.74
CA ASP B 68 -26.91 -10.98 -32.77
C ASP B 68 -26.38 -11.73 -33.98
N GLN B 69 -25.11 -11.53 -34.32
CA GLN B 69 -24.50 -12.19 -35.46
C GLN B 69 -23.06 -12.50 -35.10
N SER B 70 -22.65 -13.73 -35.36
CA SER B 70 -21.30 -14.20 -35.06
C SER B 70 -20.54 -14.40 -36.36
N VAL B 71 -19.25 -14.11 -36.33
CA VAL B 71 -18.40 -14.22 -37.51
C VAL B 71 -17.05 -14.72 -37.06
N VAL B 72 -16.51 -15.67 -37.83
CA VAL B 72 -15.18 -16.23 -37.61
C VAL B 72 -14.30 -15.79 -38.76
N VAL B 73 -13.13 -15.21 -38.47
CA VAL B 73 -12.18 -14.78 -39.54
C VAL B 73 -10.79 -14.58 -38.97
N THR B 74 -9.76 -14.66 -39.80
CA THR B 74 -8.41 -14.37 -39.27
C THR B 74 -8.30 -12.86 -39.25
N MET B 75 -8.28 -12.25 -38.07
CA MET B 75 -8.40 -10.78 -37.99
C MET B 75 -7.10 -10.05 -38.34
N THR B 76 -5.98 -10.75 -38.40
CA THR B 76 -4.75 -10.06 -38.80
C THR B 76 -4.57 -10.17 -40.30
N ASP B 77 -5.46 -10.86 -41.00
CA ASP B 77 -5.40 -10.97 -42.48
C ASP B 77 -6.12 -9.76 -43.08
N ALA B 78 -5.38 -8.82 -43.67
CA ALA B 78 -6.04 -7.62 -44.20
C ALA B 78 -7.01 -8.05 -45.27
N GLU B 79 -6.65 -9.05 -46.06
CA GLU B 79 -7.63 -9.37 -47.08
C GLU B 79 -8.89 -9.96 -46.47
N GLU B 80 -8.73 -11.00 -45.64
CA GLU B 80 -9.87 -11.72 -45.08
C GLU B 80 -10.72 -10.83 -44.19
N LEU B 81 -10.07 -9.99 -43.38
CA LEU B 81 -10.83 -9.06 -42.55
C LEU B 81 -11.57 -8.04 -43.39
N THR B 82 -10.91 -7.51 -44.42
CA THR B 82 -11.51 -6.41 -45.16
C THR B 82 -12.73 -6.86 -45.96
N ALA B 83 -12.69 -8.08 -46.49
CA ALA B 83 -13.88 -8.61 -47.15
C ALA B 83 -15.04 -8.69 -46.18
N VAL B 84 -14.78 -9.20 -44.97
CA VAL B 84 -15.81 -9.34 -43.94
C VAL B 84 -16.46 -8.00 -43.63
N ILE B 85 -15.66 -6.93 -43.59
CA ILE B 85 -16.23 -5.65 -43.24
C ILE B 85 -17.04 -5.10 -44.41
N ARG B 86 -16.60 -5.39 -45.63
CA ARG B 86 -17.29 -4.87 -46.81
C ARG B 86 -18.63 -5.56 -47.00
N ARG B 87 -18.67 -6.88 -46.80
CA ARG B 87 -19.92 -7.60 -46.96
C ARG B 87 -20.95 -7.14 -45.94
N LEU B 88 -20.58 -7.19 -44.66
CA LEU B 88 -21.52 -6.83 -43.60
C LEU B 88 -21.86 -5.35 -43.60
N GLN B 89 -20.85 -4.50 -43.78
CA GLN B 89 -21.07 -3.06 -43.83
C GLN B 89 -21.71 -2.55 -42.54
N PRO B 90 -20.97 -2.51 -41.44
CA PRO B 90 -21.55 -2.03 -40.18
C PRO B 90 -21.47 -0.52 -40.04
N ASP B 91 -22.40 0.02 -39.26
CA ASP B 91 -22.37 1.45 -38.96
C ASP B 91 -21.12 1.84 -38.16
N PHE B 92 -20.76 1.02 -37.16
CA PHE B 92 -19.60 1.28 -36.32
C PHE B 92 -18.67 0.08 -36.29
N LEU B 93 -17.37 0.35 -36.31
CA LEU B 93 -16.33 -0.67 -36.27
C LEU B 93 -15.48 -0.46 -35.02
N VAL B 94 -15.65 -1.36 -34.03
CA VAL B 94 -14.98 -1.27 -32.73
C VAL B 94 -13.92 -2.35 -32.59
N THR B 95 -12.70 -1.92 -32.30
CA THR B 95 -11.55 -2.80 -32.18
C THR B 95 -11.33 -3.08 -30.70
N VAL B 96 -11.65 -4.29 -30.29
CA VAL B 96 -11.55 -4.60 -28.83
C VAL B 96 -10.35 -5.47 -28.58
N THR B 97 -9.71 -6.00 -29.60
CA THR B 97 -8.51 -6.81 -29.38
C THR B 97 -7.30 -6.09 -29.99
N ALA B 98 -6.10 -6.62 -29.80
CA ALA B 98 -4.94 -5.96 -30.40
C ALA B 98 -4.47 -6.78 -31.58
N ALA B 99 -4.90 -8.03 -31.67
CA ALA B 99 -4.46 -8.83 -32.82
C ALA B 99 -5.39 -8.51 -33.99
N VAL B 100 -5.14 -7.41 -34.68
CA VAL B 100 -6.05 -7.01 -35.78
C VAL B 100 -5.24 -6.28 -36.82
N SER B 101 -5.60 -6.45 -38.07
CA SER B 101 -4.91 -5.79 -39.20
C SER B 101 -5.14 -4.29 -39.12
N VAL B 102 -4.15 -3.55 -38.68
CA VAL B 102 -4.37 -2.09 -38.68
C VAL B 102 -4.37 -1.65 -40.12
N ASP B 103 -3.66 -2.35 -41.00
CA ASP B 103 -3.78 -1.93 -42.39
C ASP B 103 -5.20 -2.14 -42.91
N ALA B 104 -5.85 -3.25 -42.52
CA ALA B 104 -7.24 -3.45 -42.92
C ALA B 104 -8.13 -2.35 -42.37
N LEU B 105 -7.82 -1.81 -41.20
CA LEU B 105 -8.62 -0.79 -40.45
C LEU B 105 -8.55 0.60 -41.04
N ASP B 106 -7.38 1.03 -41.47
CA ASP B 106 -7.11 2.34 -42.08
C ASP B 106 -7.82 2.44 -43.42
N ALA B 107 -8.00 1.33 -44.11
CA ALA B 107 -8.72 1.28 -45.38
C ALA B 107 -10.20 1.58 -45.13
N VAL B 108 -10.74 1.20 -44.00
CA VAL B 108 -12.19 1.44 -43.75
C VAL B 108 -12.41 2.92 -43.50
N GLU B 109 -11.45 3.61 -42.94
CA GLU B 109 -11.62 5.05 -42.67
C GLU B 109 -11.42 5.87 -43.95
N GLN B 110 -10.78 5.30 -44.96
CA GLN B 110 -10.46 5.98 -46.22
C GLN B 110 -11.61 5.82 -47.22
N ALA B 111 -12.54 4.92 -46.98
CA ALA B 111 -13.61 4.71 -47.97
C ALA B 111 -14.88 5.42 -47.56
N CYS B 115 -19.35 5.55 -44.67
CA CYS B 115 -20.11 4.31 -44.54
C CYS B 115 -19.95 3.64 -43.18
N THR B 116 -18.92 3.98 -42.41
CA THR B 116 -18.57 3.30 -41.18
C THR B 116 -17.62 4.18 -40.40
N GLU B 117 -18.02 4.42 -39.16
CA GLU B 117 -17.28 5.19 -38.14
C GLU B 117 -16.52 4.19 -37.27
N LEU B 118 -15.26 4.46 -36.97
CA LEU B 118 -14.46 3.57 -36.12
C LEU B 118 -14.38 4.15 -34.71
N VAL B 119 -14.71 3.38 -33.70
CA VAL B 119 -14.53 3.87 -32.33
C VAL B 119 -13.86 2.73 -31.59
N PRO B 120 -12.56 2.71 -31.32
CA PRO B 120 -11.71 3.83 -31.58
C PRO B 120 -11.15 3.98 -32.99
N ASN B 121 -10.68 5.17 -33.29
CA ASN B 121 -10.17 5.49 -34.63
C ASN B 121 -8.88 4.72 -34.93
N ALA B 122 -8.59 4.56 -36.20
CA ALA B 122 -7.47 3.73 -36.66
C ALA B 122 -6.17 4.34 -36.17
N ARG B 123 -6.06 5.66 -36.18
CA ARG B 123 -4.87 6.37 -35.69
C ARG B 123 -4.55 5.92 -34.29
N ALA B 124 -5.58 5.71 -33.51
CA ALA B 124 -5.34 5.31 -32.13
C ALA B 124 -4.91 3.85 -32.05
N VAL B 125 -5.55 2.99 -32.83
CA VAL B 125 -5.19 1.57 -32.85
C VAL B 125 -3.74 1.39 -33.25
N ARG B 126 -3.31 2.11 -34.29
CA ARG B 126 -1.92 1.98 -34.74
C ARG B 126 -0.94 2.54 -33.71
N CYS B 127 -1.23 3.70 -33.14
CA CYS B 127 -0.26 4.33 -32.24
C CYS B 127 -0.03 3.50 -31.00
N THR B 128 -1.07 2.85 -30.49
CA THR B 128 -0.97 2.22 -29.20
C THR B 128 -0.53 0.77 -29.26
N ALA B 129 -0.44 0.20 -30.46
CA ALA B 129 0.15 -1.13 -30.63
C ALA B 129 1.61 -1.06 -30.97
N ASP B 130 2.10 0.11 -31.36
CA ASP B 130 3.52 0.34 -31.64
C ASP B 130 4.11 0.90 -30.35
N ARG B 131 4.74 0.04 -29.55
CA ARG B 131 5.16 0.46 -28.21
C ARG B 131 6.24 1.54 -28.31
N GLU B 132 7.21 1.37 -29.21
CA GLU B 132 8.25 2.37 -29.40
C GLU B 132 7.65 3.71 -29.82
N GLY B 133 6.73 3.69 -30.80
CA GLY B 133 6.19 4.93 -31.32
C GLY B 133 5.28 5.64 -30.34
N LEU B 134 4.65 4.90 -29.44
CA LEU B 134 3.79 5.53 -28.46
C LEU B 134 4.62 6.22 -27.38
N ARG B 135 5.71 5.57 -26.93
CA ARG B 135 6.62 6.23 -26.00
C ARG B 135 7.15 7.52 -26.60
N ARG B 136 7.67 7.44 -27.84
CA ARG B 136 8.22 8.61 -28.50
C ARG B 136 7.16 9.67 -28.74
N LEU B 137 5.92 9.26 -28.99
CA LEU B 137 4.83 10.24 -29.07
C LEU B 137 4.59 10.90 -27.71
N ALA B 138 4.63 10.12 -26.63
CA ALA B 138 4.30 10.68 -25.33
C ALA B 138 5.41 11.61 -24.83
N ALA B 139 6.64 11.13 -24.88
CA ALA B 139 7.77 11.85 -24.30
C ALA B 139 8.34 12.92 -25.22
N ASP B 140 8.32 12.73 -26.54
CA ASP B 140 9.00 13.67 -27.43
C ASP B 140 8.05 14.70 -28.04
N GLN B 141 7.02 14.26 -28.75
CA GLN B 141 6.10 15.21 -29.38
C GLN B 141 5.27 15.95 -28.33
N LEU B 142 4.51 15.21 -27.53
CA LEU B 142 3.99 15.80 -26.32
C LEU B 142 5.13 15.88 -25.31
N GLY B 143 4.98 16.72 -24.31
CA GLY B 143 6.10 16.83 -23.40
C GLY B 143 5.90 16.02 -22.14
N LEU B 144 5.35 14.81 -22.30
CA LEU B 144 4.82 14.09 -21.16
C LEU B 144 5.96 13.50 -20.32
N PRO B 145 5.83 13.49 -18.99
CA PRO B 145 6.89 12.97 -18.14
C PRO B 145 6.81 11.46 -18.03
N THR B 146 7.95 10.80 -18.24
CA THR B 146 8.03 9.36 -18.17
C THR B 146 9.29 8.99 -17.41
N ALA B 147 9.44 7.71 -17.14
CA ALA B 147 10.70 7.24 -16.61
C ALA B 147 11.76 7.33 -17.70
N PRO B 148 12.98 7.74 -17.37
CA PRO B 148 14.02 7.83 -18.40
C PRO B 148 14.19 6.51 -19.14
N PHE B 149 14.27 6.60 -20.46
CA PHE B 149 14.23 5.43 -21.32
C PHE B 149 15.20 5.63 -22.48
N TRP B 150 15.70 4.51 -22.97
CA TRP B 150 16.57 4.49 -24.13
C TRP B 150 16.26 3.26 -24.96
N PHE B 151 16.31 3.41 -26.27
CA PHE B 151 16.23 2.30 -27.21
C PHE B 151 17.62 2.08 -27.76
N VAL B 152 18.16 0.88 -27.58
CA VAL B 152 19.49 0.53 -28.04
C VAL B 152 19.35 -0.59 -29.08
N GLY B 153 20.45 -0.86 -29.76
CA GLY B 153 20.48 -1.89 -30.79
C GLY B 153 21.83 -2.57 -30.88
N LEU B 169 18.71 -0.59 -13.88
CA LEU B 169 18.05 -0.52 -15.17
C LEU B 169 17.17 -1.75 -15.37
N LEU B 170 16.19 -1.60 -16.25
CA LEU B 170 15.25 -2.67 -16.57
C LEU B 170 15.38 -2.90 -18.07
N VAL B 171 16.27 -3.79 -18.46
CA VAL B 171 16.45 -4.08 -19.87
C VAL B 171 15.34 -4.99 -20.35
N SER B 172 14.67 -4.59 -21.41
CA SER B 172 13.50 -5.26 -21.93
C SER B 172 13.64 -5.37 -23.44
N PRO B 173 13.21 -6.49 -24.03
CA PRO B 173 13.13 -6.56 -25.48
C PRO B 173 12.10 -5.56 -25.99
N VAL B 174 12.43 -4.88 -27.08
CA VAL B 174 11.62 -3.75 -27.56
C VAL B 174 10.17 -4.11 -27.79
N PRO B 212 17.60 -6.47 -33.56
CA PRO B 212 16.53 -5.47 -33.34
C PRO B 212 16.79 -4.60 -32.13
N ARG B 213 15.87 -3.68 -31.90
CA ARG B 213 16.01 -2.71 -30.81
C ARG B 213 15.73 -3.36 -29.46
N VAL B 214 16.32 -2.79 -28.42
CA VAL B 214 16.10 -3.23 -27.05
C VAL B 214 15.93 -2.00 -26.16
N CYS B 215 14.88 -1.99 -25.34
CA CYS B 215 14.52 -0.81 -24.59
C CYS B 215 15.10 -0.83 -23.18
N ALA B 216 15.75 0.26 -22.81
CA ALA B 216 16.35 0.38 -21.48
C ALA B 216 15.63 1.47 -20.70
N GLU B 217 15.23 1.15 -19.47
CA GLU B 217 14.49 2.07 -18.61
C GLU B 217 15.21 2.23 -17.28
N SER B 218 15.35 3.49 -16.85
CA SER B 218 15.77 3.77 -15.49
C SER B 218 14.61 3.50 -14.54
N VAL B 219 14.92 2.95 -13.37
CA VAL B 219 13.91 2.54 -12.42
C VAL B 219 13.68 3.65 -11.40
N VAL B 220 12.40 3.97 -11.18
CA VAL B 220 12.00 5.07 -10.32
C VAL B 220 11.14 4.51 -9.19
N GLU B 221 11.16 5.19 -8.06
CA GLU B 221 10.35 4.76 -6.94
C GLU B 221 8.88 5.04 -7.23
N ILE B 222 8.02 4.08 -6.88
CA ILE B 222 6.61 4.17 -7.19
C ILE B 222 5.79 3.82 -5.96
N GLU B 223 4.79 4.64 -5.67
CA GLU B 223 3.79 4.36 -4.64
C GLU B 223 2.66 3.54 -5.27
N PHE B 224 1.91 4.15 -6.18
CA PHE B 224 0.75 3.52 -6.80
C PHE B 224 0.90 3.41 -8.32
N LEU B 225 0.47 2.28 -8.84
CA LEU B 225 -0.01 2.24 -10.22
C LEU B 225 -1.46 2.71 -10.24
N VAL B 226 -1.80 3.50 -11.24
CA VAL B 226 -3.11 4.12 -11.34
C VAL B 226 -3.59 4.06 -12.78
N THR B 227 -4.86 3.69 -12.96
CA THR B 227 -5.50 3.76 -14.26
C THR B 227 -6.44 4.96 -14.30
N MET B 228 -6.19 5.87 -15.25
CA MET B 228 -7.09 7.00 -15.55
C MET B 228 -7.94 6.61 -16.74
N ILE B 229 -9.23 6.42 -16.50
CA ILE B 229 -10.17 6.12 -17.58
C ILE B 229 -10.67 7.44 -18.11
N VAL B 230 -10.42 7.68 -19.41
CA VAL B 230 -10.87 8.89 -20.08
C VAL B 230 -11.91 8.49 -21.12
N VAL B 231 -13.00 9.24 -21.15
CA VAL B 231 -14.14 8.97 -22.00
C VAL B 231 -14.31 10.16 -22.92
N CYS B 232 -14.37 9.90 -24.22
CA CYS B 232 -14.62 10.92 -25.23
C CYS B 232 -15.86 10.54 -25.99
N SER B 233 -16.91 11.36 -25.87
CA SER B 233 -18.11 11.11 -26.64
C SER B 233 -18.66 12.45 -27.12
N GLN B 234 -19.86 12.40 -27.68
CA GLN B 234 -20.63 13.58 -27.96
C GLN B 234 -21.76 13.64 -26.94
N GLY B 235 -22.06 14.85 -26.47
CA GLY B 235 -23.24 15.05 -25.67
C GLY B 235 -24.36 15.60 -26.53
N PRO B 236 -25.48 16.00 -25.93
CA PRO B 236 -26.48 16.75 -26.69
C PRO B 236 -26.01 18.13 -27.13
N ASN B 237 -24.78 18.54 -26.75
CA ASN B 237 -24.17 19.82 -27.11
C ASN B 237 -22.78 19.65 -27.70
N GLY B 238 -22.49 18.48 -28.26
CA GLY B 238 -21.23 18.24 -28.93
C GLY B 238 -20.24 17.44 -28.12
N PRO B 239 -18.94 17.73 -28.30
CA PRO B 239 -17.91 16.86 -27.73
C PRO B 239 -17.89 16.93 -26.21
N LEU B 240 -17.67 15.76 -25.61
CA LEU B 240 -17.49 15.61 -24.17
C LEU B 240 -16.15 14.93 -23.93
N ILE B 241 -15.44 15.38 -22.88
CA ILE B 241 -14.30 14.61 -22.40
C ILE B 241 -14.38 14.51 -20.87
N GLU B 242 -14.62 13.29 -20.38
CA GLU B 242 -14.85 13.02 -18.97
C GLU B 242 -13.71 12.18 -18.41
N PHE B 243 -13.43 12.37 -17.13
CA PHE B 243 -12.43 11.59 -16.42
C PHE B 243 -13.08 10.74 -15.33
N CYS B 244 -12.70 9.49 -15.27
CA CYS B 244 -13.17 8.73 -14.13
C CYS B 244 -12.33 9.07 -12.90
N ALA B 245 -12.80 8.64 -11.72
CA ALA B 245 -11.98 8.71 -10.54
C ALA B 245 -10.80 7.75 -10.68
N PRO B 246 -9.60 8.14 -10.23
CA PRO B 246 -8.42 7.27 -10.40
C PRO B 246 -8.70 5.87 -9.90
N ILE B 247 -8.21 4.88 -10.65
CA ILE B 247 -8.31 3.49 -10.26
C ILE B 247 -6.93 3.01 -9.89
N GLY B 248 -6.74 2.61 -8.62
CA GLY B 248 -5.48 2.01 -8.18
C GLY B 248 -5.48 0.52 -8.45
N HIS B 249 -4.32 -0.02 -8.81
CA HIS B 249 -4.22 -1.45 -9.08
C HIS B 249 -2.82 -1.97 -8.81
N ARG B 250 -2.71 -3.27 -8.58
CA ARG B 250 -1.38 -3.88 -8.30
C ARG B 250 -1.49 -5.40 -8.38
N ASP B 251 -0.36 -6.08 -8.49
CA ASP B 251 -0.36 -7.55 -8.54
C ASP B 251 -0.48 -8.08 -7.11
N ALA B 252 -1.49 -8.86 -6.81
CA ALA B 252 -1.63 -9.27 -5.40
C ALA B 252 -1.37 -10.77 -5.27
N ASP B 253 -1.73 -11.37 -4.14
CA ASP B 253 -1.33 -12.78 -4.02
C ASP B 253 -2.17 -13.72 -4.88
N ALA B 254 -1.60 -14.89 -5.16
CA ALA B 254 -2.13 -16.02 -5.96
C ALA B 254 -2.31 -15.64 -7.41
N GLY B 255 -1.52 -14.68 -7.91
CA GLY B 255 -1.61 -14.24 -9.31
C GLY B 255 -2.81 -13.36 -9.62
N GLU B 256 -3.54 -12.91 -8.62
CA GLU B 256 -4.71 -12.12 -8.95
C GLU B 256 -4.31 -10.67 -9.17
N LEU B 257 -5.00 -10.02 -10.08
CA LEU B 257 -4.81 -8.57 -10.23
C LEU B 257 -5.85 -7.97 -9.31
N GLU B 258 -5.45 -7.00 -8.54
CA GLU B 258 -6.30 -6.27 -7.61
C GLU B 258 -6.44 -4.83 -8.08
N SER B 259 -7.67 -4.31 -8.04
CA SER B 259 -7.89 -2.91 -8.33
C SER B 259 -8.89 -2.36 -7.33
N TRP B 260 -9.03 -1.04 -7.31
CA TRP B 260 -9.89 -0.35 -6.36
C TRP B 260 -10.06 1.09 -6.83
N GLN B 261 -11.17 1.71 -6.40
CA GLN B 261 -11.62 3.02 -6.90
C GLN B 261 -12.44 3.66 -5.79
N PRO B 262 -12.16 4.90 -5.41
CA PRO B 262 -11.10 5.75 -5.93
C PRO B 262 -9.76 5.60 -5.20
N GLN B 263 -8.67 5.75 -5.93
CA GLN B 263 -7.35 5.96 -5.33
C GLN B 263 -7.18 7.45 -5.00
N LYS B 264 -6.90 7.77 -3.75
CA LYS B 264 -6.70 9.16 -3.38
C LYS B 264 -5.39 9.70 -3.96
N LEU B 265 -5.44 10.94 -4.45
CA LEU B 265 -4.26 11.64 -4.90
C LEU B 265 -4.27 13.05 -4.30
N SER B 266 -3.08 13.59 -4.12
CA SER B 266 -2.98 14.99 -3.75
C SER B 266 -3.49 15.87 -4.88
N THR B 267 -3.88 17.09 -4.53
CA THR B 267 -4.23 18.06 -5.55
C THR B 267 -3.16 18.12 -6.65
N ALA B 268 -1.88 18.25 -6.28
CA ALA B 268 -0.86 18.38 -7.32
C ALA B 268 -0.76 17.09 -8.13
N ALA B 269 -0.85 15.95 -7.45
CA ALA B 269 -0.82 14.69 -8.18
C ALA B 269 -2.03 14.55 -9.10
N LEU B 270 -3.22 14.93 -8.61
CA LEU B 270 -4.40 14.77 -9.45
C LEU B 270 -4.40 15.75 -10.61
N ASP B 271 -3.89 16.97 -10.39
CA ASP B 271 -3.78 17.93 -11.51
C ASP B 271 -2.84 17.40 -12.57
N ALA B 272 -1.67 16.89 -12.15
CA ALA B 272 -0.76 16.28 -13.11
C ALA B 272 -1.43 15.16 -13.89
N ALA B 273 -2.15 14.27 -13.18
CA ALA B 273 -2.71 13.08 -13.82
C ALA B 273 -3.74 13.45 -14.86
N LYS B 274 -4.70 14.31 -14.51
CA LYS B 274 -5.68 14.78 -15.49
C LYS B 274 -4.97 15.37 -16.70
N SER B 275 -3.97 16.21 -16.44
CA SER B 275 -3.26 16.90 -17.51
C SER B 275 -2.65 15.88 -18.48
N ILE B 276 -1.88 14.93 -17.95
CA ILE B 276 -1.24 13.89 -18.76
C ILE B 276 -2.28 13.04 -19.49
N ALA B 277 -3.26 12.51 -18.74
CA ALA B 277 -4.34 11.72 -19.34
C ALA B 277 -4.99 12.50 -20.49
N ALA B 278 -5.35 13.76 -20.25
CA ALA B 278 -6.06 14.55 -21.27
C ALA B 278 -5.20 14.77 -22.50
N ARG B 279 -3.90 14.98 -22.33
CA ARG B 279 -3.02 15.31 -23.47
C ARG B 279 -2.76 14.11 -24.36
N ILE B 280 -2.43 12.95 -23.83
CA ILE B 280 -2.25 11.80 -24.70
C ILE B 280 -3.55 11.43 -25.41
N VAL B 281 -4.70 11.64 -24.76
CA VAL B 281 -5.94 11.21 -25.38
C VAL B 281 -6.31 12.14 -26.52
N LYS B 282 -6.09 13.43 -26.35
CA LYS B 282 -6.44 14.36 -27.44
C LYS B 282 -5.50 14.17 -28.62
N ALA B 283 -4.25 13.75 -28.40
CA ALA B 283 -3.38 13.46 -29.52
C ALA B 283 -3.89 12.27 -30.33
N LEU B 284 -4.46 11.27 -29.65
CA LEU B 284 -5.04 10.15 -30.39
C LEU B 284 -6.29 10.59 -31.14
N GLY B 285 -7.16 11.37 -30.50
CA GLY B 285 -8.37 11.85 -31.14
C GLY B 285 -9.42 10.77 -31.30
N GLY B 286 -10.58 11.19 -31.79
CA GLY B 286 -11.70 10.29 -32.00
C GLY B 286 -12.45 10.00 -30.72
N ARG B 287 -13.61 9.40 -30.90
CA ARG B 287 -14.43 8.97 -29.77
C ARG B 287 -13.87 7.67 -29.19
N GLY B 288 -14.12 7.45 -27.91
CA GLY B 288 -13.72 6.20 -27.31
C GLY B 288 -13.55 6.30 -25.80
N VAL B 289 -13.16 5.17 -25.24
CA VAL B 289 -12.83 5.06 -23.83
C VAL B 289 -11.38 4.66 -23.75
N PHE B 290 -10.57 5.47 -23.09
CA PHE B 290 -9.14 5.26 -23.05
C PHE B 290 -8.73 4.99 -21.61
N GLY B 291 -7.85 4.00 -21.43
CA GLY B 291 -7.23 3.75 -20.16
C GLY B 291 -5.80 4.26 -20.20
N VAL B 292 -5.50 5.19 -19.31
CA VAL B 292 -4.19 5.83 -19.32
C VAL B 292 -3.47 5.36 -18.08
N GLU B 293 -2.31 4.72 -18.28
CA GLU B 293 -1.57 4.14 -17.20
C GLU B 293 -0.54 5.11 -16.66
N LEU B 294 -0.54 5.30 -15.34
CA LEU B 294 0.36 6.21 -14.66
C LEU B 294 1.02 5.55 -13.45
N MET B 295 2.18 6.09 -13.10
CA MET B 295 2.95 5.73 -11.92
C MET B 295 3.06 6.97 -11.03
N ILE B 296 2.84 6.79 -9.73
CA ILE B 296 2.69 7.91 -8.82
C ILE B 296 3.59 7.69 -7.62
N ASN B 297 4.27 8.74 -7.23
CA ASN B 297 5.11 8.76 -6.05
C ASN B 297 4.89 10.14 -5.43
N GLY B 298 3.88 10.24 -4.56
CA GLY B 298 3.55 11.50 -3.93
C GLY B 298 3.12 12.56 -4.92
N ASP B 299 4.05 13.45 -5.22
CA ASP B 299 3.93 14.58 -6.11
C ASP B 299 4.09 14.23 -7.58
N GLU B 300 4.85 13.20 -7.90
CA GLU B 300 5.29 13.02 -9.27
C GLU B 300 4.43 11.98 -9.97
N VAL B 301 4.05 12.29 -11.19
CA VAL B 301 3.23 11.41 -12.01
C VAL B 301 3.98 11.12 -13.29
N TYR B 302 4.04 9.83 -13.65
CA TYR B 302 4.71 9.38 -14.85
C TYR B 302 3.72 8.70 -15.77
N PHE B 303 3.83 9.02 -17.04
CA PHE B 303 3.13 8.28 -18.06
C PHE B 303 3.77 6.91 -18.24
N ALA B 304 2.97 5.86 -18.23
CA ALA B 304 3.51 4.55 -18.57
C ALA B 304 2.93 3.96 -19.84
N ASP B 305 1.63 4.13 -20.09
CA ASP B 305 1.00 3.51 -21.24
C ASP B 305 -0.43 4.04 -21.42
N VAL B 306 -1.02 3.71 -22.57
CA VAL B 306 -2.44 3.93 -22.83
C VAL B 306 -2.96 2.79 -23.70
N THR B 307 -4.16 2.31 -23.37
CA THR B 307 -4.84 1.32 -24.19
C THR B 307 -6.22 1.80 -24.65
N VAL B 308 -6.56 1.47 -25.89
CA VAL B 308 -7.86 1.79 -26.46
C VAL B 308 -8.89 0.72 -26.13
N CYS B 309 -8.52 -0.23 -25.26
CA CYS B 309 -9.38 -1.34 -24.87
C CYS B 309 -9.61 -1.36 -23.36
N PRO B 310 -10.79 -1.80 -22.89
CA PRO B 310 -11.09 -1.73 -21.44
C PRO B 310 -10.15 -2.58 -20.60
N ALA B 311 -9.31 -1.92 -19.81
CA ALA B 311 -8.28 -2.63 -19.04
C ALA B 311 -8.90 -3.55 -18.00
N GLY B 312 -8.16 -4.60 -17.65
CA GLY B 312 -8.54 -5.45 -16.55
C GLY B 312 -8.82 -4.70 -15.28
N SER B 313 -8.08 -3.61 -15.01
CA SER B 313 -8.34 -2.86 -13.79
C SER B 313 -9.69 -2.15 -13.80
N ALA B 314 -10.25 -1.90 -14.99
CA ALA B 314 -11.55 -1.23 -15.10
C ALA B 314 -12.71 -2.05 -14.53
N TRP B 315 -12.52 -3.37 -14.32
CA TRP B 315 -13.60 -4.24 -13.87
C TRP B 315 -14.28 -3.73 -12.60
N VAL B 316 -13.54 -3.03 -11.73
CA VAL B 316 -14.16 -2.51 -10.51
C VAL B 316 -15.35 -1.62 -10.84
N THR B 317 -15.34 -0.95 -12.01
CA THR B 317 -16.39 0.01 -12.33
C THR B 317 -17.75 -0.65 -12.47
N VAL B 318 -17.79 -1.96 -12.78
CA VAL B 318 -19.06 -2.67 -12.93
C VAL B 318 -19.94 -2.44 -11.70
N ARG B 319 -19.33 -2.24 -10.52
CA ARG B 319 -20.07 -1.98 -9.30
C ARG B 319 -19.79 -0.64 -8.64
N SER B 320 -18.68 0.03 -8.97
CA SER B 320 -18.35 1.26 -8.24
C SER B 320 -18.83 2.53 -8.92
N GLN B 321 -19.17 2.48 -10.21
CA GLN B 321 -19.64 3.65 -10.93
C GLN B 321 -21.08 3.46 -11.35
N ARG B 322 -21.83 4.57 -11.42
CA ARG B 322 -23.14 4.56 -12.06
C ARG B 322 -23.09 3.86 -13.42
N LEU B 323 -22.16 4.25 -14.28
CA LEU B 323 -21.99 3.65 -15.60
C LEU B 323 -20.65 2.92 -15.64
N SER B 324 -20.69 1.62 -15.91
CA SER B 324 -19.45 0.86 -15.95
C SER B 324 -18.65 1.23 -17.19
N VAL B 325 -17.37 0.84 -17.18
CA VAL B 325 -16.50 1.16 -18.31
C VAL B 325 -17.11 0.63 -19.60
N PHE B 326 -17.90 -0.45 -19.52
CA PHE B 326 -18.60 -1.02 -20.67
C PHE B 326 -19.82 -0.20 -21.07
N GLU B 327 -20.59 0.28 -20.10
CA GLU B 327 -21.68 1.18 -20.46
C GLU B 327 -21.13 2.49 -21.02
N LEU B 328 -20.01 2.98 -20.48
CA LEU B 328 -19.42 4.17 -21.06
C LEU B 328 -18.96 3.93 -22.50
N GLN B 329 -18.31 2.80 -22.77
CA GLN B 329 -17.86 2.61 -24.13
C GLN B 329 -19.01 2.26 -25.08
N ALA B 330 -20.10 1.67 -24.58
CA ALA B 330 -21.27 1.58 -25.43
C ALA B 330 -21.78 2.96 -25.80
N ARG B 331 -21.87 3.88 -24.82
CA ARG B 331 -22.37 5.22 -25.13
C ARG B 331 -21.39 6.00 -26.02
N ALA B 332 -20.08 5.84 -25.79
CA ALA B 332 -19.07 6.54 -26.59
C ALA B 332 -19.09 6.11 -28.06
N ILE B 333 -19.15 4.79 -28.29
CA ILE B 333 -19.24 4.26 -29.65
C ILE B 333 -20.39 4.91 -30.39
N LEU B 334 -21.54 5.03 -29.74
CA LEU B 334 -22.75 5.51 -30.37
C LEU B 334 -22.89 7.02 -30.27
N GLY B 335 -21.97 7.71 -29.62
CA GLY B 335 -21.99 9.17 -29.60
C GLY B 335 -23.05 9.76 -28.69
N LEU B 336 -23.28 9.13 -27.55
CA LEU B 336 -24.27 9.59 -26.59
C LEU B 336 -23.59 10.20 -25.36
N ALA B 337 -24.37 10.95 -24.60
CA ALA B 337 -23.89 11.61 -23.40
C ALA B 337 -23.46 10.61 -22.34
N VAL B 338 -22.48 11.02 -21.53
CA VAL B 338 -21.98 10.20 -20.43
C VAL B 338 -21.73 11.08 -19.22
N ASP B 339 -21.64 10.43 -18.06
CA ASP B 339 -21.13 11.02 -16.84
C ASP B 339 -20.21 9.99 -16.21
N THR B 340 -19.48 10.40 -15.17
CA THR B 340 -18.53 9.54 -14.49
C THR B 340 -18.81 9.47 -13.00
N LEU B 341 -20.07 9.63 -12.61
CA LEU B 341 -20.46 9.52 -11.20
C LEU B 341 -20.11 8.16 -10.61
N MET B 342 -19.65 8.17 -9.36
CA MET B 342 -19.38 6.97 -8.59
C MET B 342 -20.54 6.59 -7.68
N ILE B 343 -20.85 5.30 -7.65
CA ILE B 343 -21.82 4.79 -6.69
C ILE B 343 -21.23 4.80 -5.28
N SER B 344 -20.04 4.27 -5.12
CA SER B 344 -19.46 3.95 -3.82
C SER B 344 -18.05 3.43 -4.05
N PRO B 345 -17.16 3.54 -3.06
CA PRO B 345 -15.85 2.88 -3.17
C PRO B 345 -16.01 1.39 -3.47
N GLY B 346 -15.02 0.82 -4.17
CA GLY B 346 -15.09 -0.59 -4.50
C GLY B 346 -13.71 -1.17 -4.75
N ALA B 347 -13.67 -2.50 -4.86
CA ALA B 347 -12.43 -3.17 -5.24
C ALA B 347 -12.77 -4.39 -6.07
N ALA B 348 -11.79 -4.86 -6.83
CA ALA B 348 -12.00 -6.03 -7.65
C ALA B 348 -10.75 -6.88 -7.66
N ARG B 349 -10.95 -8.15 -7.97
CA ARG B 349 -9.84 -9.09 -8.08
C ARG B 349 -10.12 -9.92 -9.32
N VAL B 350 -9.26 -9.81 -10.32
CA VAL B 350 -9.38 -10.60 -11.53
C VAL B 350 -8.52 -11.84 -11.35
N ILE B 351 -9.15 -13.01 -11.29
CA ILE B 351 -8.51 -14.31 -11.20
C ILE B 351 -8.25 -14.85 -12.60
N ASN B 352 -7.10 -15.50 -12.80
CA ASN B 352 -6.76 -16.11 -14.08
C ASN B 352 -6.30 -17.56 -13.97
N PRO B 366 -16.21 -23.36 -11.17
CA PRO B 366 -16.76 -22.51 -10.14
C PRO B 366 -17.82 -23.33 -9.40
N PRO B 367 -17.45 -24.08 -8.36
CA PRO B 367 -18.40 -24.90 -7.62
C PRO B 367 -19.48 -24.10 -6.88
N ALA B 368 -20.61 -24.75 -6.63
CA ALA B 368 -21.79 -24.15 -5.97
C ALA B 368 -21.46 -23.68 -4.56
N ASP B 369 -20.60 -24.39 -3.86
CA ASP B 369 -20.25 -24.00 -2.47
C ASP B 369 -19.31 -22.81 -2.49
N ALA B 370 -18.56 -22.67 -3.57
CA ALA B 370 -17.64 -21.52 -3.68
C ALA B 370 -18.48 -20.26 -3.84
N LEU B 371 -19.55 -20.32 -4.60
CA LEU B 371 -20.41 -19.12 -4.78
C LEU B 371 -21.19 -18.86 -3.51
N THR B 372 -21.71 -19.89 -2.86
CA THR B 372 -22.47 -19.67 -1.63
C THR B 372 -21.57 -18.97 -0.64
N GLY B 373 -20.35 -19.47 -0.51
CA GLY B 373 -19.50 -18.83 0.47
C GLY B 373 -19.07 -17.45 0.05
N ALA B 374 -18.82 -17.27 -1.24
CA ALA B 374 -18.32 -16.00 -1.81
C ALA B 374 -19.33 -14.86 -1.77
N LEU B 375 -20.60 -15.14 -1.98
CA LEU B 375 -21.66 -14.10 -2.00
C LEU B 375 -22.20 -13.83 -0.60
N GLY B 376 -21.64 -14.45 0.42
CA GLY B 376 -22.00 -14.22 1.82
C GLY B 376 -21.31 -13.00 2.35
N VAL B 377 -20.28 -12.55 1.67
CA VAL B 377 -19.55 -11.31 2.03
C VAL B 377 -20.48 -10.15 1.72
N PRO B 378 -20.64 -9.17 2.62
CA PRO B 378 -21.53 -8.05 2.38
C PRO B 378 -21.10 -7.14 1.23
N GLU B 379 -22.06 -6.69 0.45
CA GLU B 379 -21.90 -5.82 -0.73
C GLU B 379 -21.00 -6.53 -1.75
N SER B 380 -21.18 -7.81 -1.92
CA SER B 380 -20.27 -8.50 -2.85
C SER B 380 -20.97 -8.95 -4.12
N ASP B 381 -20.20 -9.13 -5.15
CA ASP B 381 -20.71 -9.66 -6.41
C ASP B 381 -19.60 -10.44 -7.10
N VAL B 382 -20.00 -11.23 -8.11
CA VAL B 382 -19.09 -12.08 -8.85
C VAL B 382 -19.49 -12.07 -10.33
N VAL B 383 -18.50 -12.25 -11.19
CA VAL B 383 -18.68 -12.39 -12.65
C VAL B 383 -17.87 -13.61 -13.06
N ILE B 384 -18.57 -14.69 -13.37
CA ILE B 384 -17.93 -15.99 -13.70
C ILE B 384 -17.88 -16.12 -15.19
N PHE B 385 -16.77 -16.61 -15.72
CA PHE B 385 -16.60 -16.83 -17.16
C PHE B 385 -16.18 -18.28 -17.40
N GLY B 386 -15.69 -18.58 -18.58
CA GLY B 386 -14.25 -18.64 -18.91
C GLY B 386 -13.62 -19.95 -18.50
N ARG B 387 -12.33 -20.12 -18.77
CA ARG B 387 -11.71 -21.39 -18.32
C ARG B 387 -10.98 -21.05 -17.02
N GLY B 388 -11.75 -20.69 -15.99
CA GLY B 388 -11.22 -20.27 -14.67
C GLY B 388 -11.31 -18.75 -14.51
N LEU B 389 -11.55 -18.01 -15.60
CA LEU B 389 -11.64 -16.52 -15.51
C LEU B 389 -12.84 -16.12 -14.69
N GLY B 390 -12.62 -15.28 -13.70
CA GLY B 390 -13.66 -14.78 -12.84
C GLY B 390 -13.25 -13.48 -12.23
N VAL B 391 -14.22 -12.67 -11.85
CA VAL B 391 -14.00 -11.40 -11.18
C VAL B 391 -14.71 -11.41 -9.85
N ALA B 392 -13.98 -11.10 -8.78
CA ALA B 392 -14.56 -10.92 -7.46
C ALA B 392 -14.72 -9.44 -7.21
N LEU B 393 -15.89 -9.03 -6.69
CA LEU B 393 -16.17 -7.62 -6.50
C LEU B 393 -16.80 -7.37 -5.14
N ALA B 394 -16.44 -6.24 -4.54
CA ALA B 394 -17.10 -5.75 -3.34
C ALA B 394 -17.17 -4.24 -3.40
N THR B 395 -18.16 -3.67 -2.74
CA THR B 395 -18.18 -2.25 -2.45
C THR B 395 -18.32 -2.08 -0.95
N ALA B 396 -18.17 -0.86 -0.48
CA ALA B 396 -18.13 -0.52 0.94
C ALA B 396 -18.11 0.99 1.09
N PRO B 397 -18.40 1.51 2.27
CA PRO B 397 -18.20 2.96 2.49
C PRO B 397 -16.76 3.37 2.43
N GLU B 398 -15.80 2.44 2.53
CA GLU B 398 -14.40 2.81 2.42
C GLU B 398 -13.66 1.81 1.54
N VAL B 399 -12.66 2.33 0.82
CA VAL B 399 -11.86 1.49 -0.07
C VAL B 399 -11.23 0.35 0.71
N ALA B 400 -10.80 0.65 1.94
CA ALA B 400 -10.10 -0.36 2.74
C ALA B 400 -11.01 -1.54 3.04
N ILE B 401 -12.27 -1.27 3.44
CA ILE B 401 -13.21 -2.36 3.62
C ILE B 401 -13.50 -3.03 2.28
N ALA B 402 -13.60 -2.23 1.22
CA ALA B 402 -13.93 -2.81 -0.08
C ALA B 402 -12.83 -3.75 -0.56
N ARG B 403 -11.57 -3.44 -0.26
CA ARG B 403 -10.49 -4.36 -0.65
C ARG B 403 -10.49 -5.61 0.23
N GLU B 404 -10.78 -5.47 1.53
CA GLU B 404 -10.79 -6.63 2.40
C GLU B 404 -11.92 -7.59 2.03
N ARG B 405 -13.09 -7.06 1.70
CA ARG B 405 -14.20 -7.90 1.27
C ARG B 405 -13.89 -8.62 -0.03
N ALA B 406 -13.26 -7.91 -0.98
CA ALA B 406 -12.96 -8.51 -2.28
C ALA B 406 -11.92 -9.62 -2.12
N ARG B 407 -10.99 -9.40 -1.22
CA ARG B 407 -9.98 -10.40 -0.85
C ARG B 407 -10.74 -11.64 -0.39
N GLU B 408 -11.69 -11.44 0.47
CA GLU B 408 -12.47 -12.54 1.04
C GLU B 408 -13.26 -13.25 -0.05
N VAL B 409 -14.00 -12.50 -0.87
CA VAL B 409 -14.75 -13.10 -1.98
C VAL B 409 -13.84 -13.98 -2.84
N ALA B 410 -12.67 -13.42 -3.21
CA ALA B 410 -11.74 -14.17 -4.07
C ALA B 410 -11.20 -15.39 -3.34
N SER B 411 -10.88 -15.25 -2.06
CA SER B 411 -10.36 -16.38 -1.31
C SER B 411 -11.38 -17.51 -1.25
N ARG B 412 -12.65 -17.20 -0.93
CA ARG B 412 -13.69 -18.24 -0.85
C ARG B 412 -13.99 -18.86 -2.21
N LEU B 413 -13.49 -18.25 -3.29
CA LEU B 413 -13.79 -18.64 -4.65
C LEU B 413 -12.68 -19.45 -5.30
N ASN B 414 -11.46 -19.02 -5.05
CA ASN B 414 -10.29 -19.73 -5.60
C ASN B 414 -10.19 -21.11 -4.97
#